data_4PXN
#
_entry.id   4PXN
#
_cell.length_a   79.220
_cell.length_b   162.490
_cell.length_c   188.620
_cell.angle_alpha   90.00
_cell.angle_beta   90.00
_cell.angle_gamma   90.00
#
_symmetry.space_group_name_H-M   'I 21 21 21'
#
loop_
_entity.id
_entity.type
_entity.pdbx_description
1 polymer 'Uncharacterized protein'
2 non-polymer NICOTINAMIDE-ADENINE-DINUCLEOTIDE
3 water water
#
_entity_poly.entity_id   1
_entity_poly.type   'polypeptide(L)'
_entity_poly.pdbx_seq_one_letter_code
;MGSSHHHHHHSQDPNSMGAFAKEEHQFLAELGLAQRNPGAFACGAWGGSGPTVTSTSPTNNQVIAEVVEASVHDYEEGMR
ACFDAAKTWMAIPAPKRGEIVRQIGDALRAKLHHLGRLVSLEMGKILPEGIGEVQEIIDMCDYAVGLSRQLNGSIIPSER
PNHMMMEVWNPLGVVGVITAFNFPCAVLGWNACIALVCGNCVVWKGAPTTPLITIAMTKIVASVLEKNNLPGAIFTSFCG
GTEIGQAIALDIRIPLVSFTGSTRAGLMVQQQVSARFGKCLLELSGNNAIIVMDDADIQLAVRSVLFAAVGTAGQRCTTC
RRLILHENIYQTFLDQLVEVYKQVRIGDPLEKGTLLGPLHTPASKENFLKGIQTIKSQGGKILFGGSAIESEGNFVQPTI
VEITPSAPVVKEELFGPVLYVMKFQTLKEAIEINNSVPQGLSSSIFTKRPDIIFKWLGPHGSDCGIVNVNIPTNGAEIGG
AFGGEKATGGGREAGSDSWKQYMRRATCTINYGSELPLAQGINFG
;
_entity_poly.pdbx_strand_id   A,B
#
loop_
_chem_comp.id
_chem_comp.type
_chem_comp.name
_chem_comp.formula
NAD non-polymer NICOTINAMIDE-ADENINE-DINUCLEOTIDE 'C21 H27 N7 O14 P2'
#
# COMPACT_ATOMS: atom_id res chain seq x y z
N LYS A 22 39.45 8.26 8.58
CA LYS A 22 39.96 7.12 7.80
C LYS A 22 39.55 7.22 6.32
N GLU A 23 40.29 6.52 5.44
CA GLU A 23 40.03 6.40 4.00
C GLU A 23 39.84 4.91 3.61
N GLU A 24 38.66 4.49 3.05
CA GLU A 24 37.45 5.24 2.64
C GLU A 24 36.76 5.96 3.82
N HIS A 25 36.39 7.27 3.72
CA HIS A 25 36.40 8.24 2.58
C HIS A 25 35.51 7.79 1.44
N GLN A 26 35.77 8.19 0.15
CA GLN A 26 35.03 7.87 -1.10
C GLN A 26 33.62 7.27 -0.94
N PHE A 27 33.51 6.16 -0.18
CA PHE A 27 32.28 5.48 0.22
C PHE A 27 31.33 6.50 0.91
N LEU A 28 31.89 7.42 1.73
CA LEU A 28 31.16 8.46 2.44
C LEU A 28 30.68 9.53 1.47
N ALA A 29 31.52 9.86 0.45
CA ALA A 29 31.20 10.85 -0.58
C ALA A 29 30.01 10.40 -1.42
N GLU A 30 29.87 9.06 -1.61
CA GLU A 30 28.77 8.38 -2.30
C GLU A 30 27.45 8.51 -1.52
N LEU A 31 27.55 8.71 -0.19
CA LEU A 31 26.43 8.92 0.74
C LEU A 31 26.22 10.42 1.03
N GLY A 32 27.08 11.25 0.46
CA GLY A 32 27.02 12.71 0.59
C GLY A 32 27.72 13.27 1.81
N LEU A 33 28.71 12.51 2.33
CA LEU A 33 29.46 12.87 3.52
C LEU A 33 30.90 13.28 3.20
N ALA A 34 31.46 14.17 4.04
CA ALA A 34 32.82 14.68 3.93
C ALA A 34 33.54 14.54 5.28
N GLN A 35 34.80 15.03 5.38
CA GLN A 35 35.63 14.98 6.58
C GLN A 35 34.94 15.72 7.75
N ARG A 36 34.31 16.86 7.44
CA ARG A 36 33.56 17.69 8.38
C ARG A 36 32.20 17.96 7.73
N ASN A 37 31.12 17.72 8.49
CA ASN A 37 29.77 17.83 7.98
C ASN A 37 28.84 18.75 8.77
N PRO A 38 28.06 19.63 8.08
CA PRO A 38 27.05 20.43 8.79
C PRO A 38 25.95 19.46 9.27
N GLY A 39 25.64 19.50 10.56
CA GLY A 39 24.66 18.60 11.17
C GLY A 39 23.30 19.18 11.44
N ALA A 40 22.88 20.19 10.67
CA ALA A 40 21.56 20.78 10.86
C ALA A 40 20.89 21.05 9.53
N PHE A 41 19.89 20.23 9.20
CA PHE A 41 19.10 20.42 7.99
C PHE A 41 17.87 21.21 8.39
N ALA A 42 18.02 22.54 8.34
CA ALA A 42 17.03 23.53 8.71
C ALA A 42 16.73 24.42 7.50
N CYS A 43 15.45 24.63 7.24
CA CYS A 43 14.91 25.41 6.13
C CYS A 43 15.40 25.07 4.72
N GLY A 44 15.54 23.76 4.47
CA GLY A 44 15.91 23.21 3.17
C GLY A 44 17.39 23.21 2.85
N ALA A 45 18.24 23.79 3.74
CA ALA A 45 19.69 23.86 3.56
C ALA A 45 20.47 23.40 4.80
N TRP A 46 21.73 22.98 4.61
CA TRP A 46 22.59 22.50 5.68
C TRP A 46 23.33 23.60 6.40
N GLY A 47 23.30 23.53 7.73
CA GLY A 47 23.95 24.48 8.61
C GLY A 47 24.43 23.84 9.89
N GLY A 48 24.69 24.66 10.90
CA GLY A 48 25.16 24.21 12.19
C GLY A 48 26.10 25.18 12.86
N SER A 49 25.62 25.83 13.92
CA SER A 49 26.39 26.79 14.71
C SER A 49 26.77 26.20 16.08
N GLY A 50 26.48 24.91 16.28
CA GLY A 50 26.79 24.17 17.50
C GLY A 50 28.19 23.60 17.53
N PRO A 51 28.54 22.81 18.58
CA PRO A 51 29.91 22.26 18.67
C PRO A 51 30.26 21.19 17.63
N THR A 52 31.57 21.00 17.39
CA THR A 52 32.06 20.02 16.43
C THR A 52 32.30 18.69 17.14
N VAL A 53 31.46 17.70 16.82
CA VAL A 53 31.54 16.36 17.38
C VAL A 53 32.24 15.38 16.41
N THR A 54 32.88 14.35 16.98
CA THR A 54 33.62 13.32 16.26
C THR A 54 32.81 12.03 16.19
N SER A 55 32.65 11.47 14.99
CA SER A 55 31.96 10.20 14.82
C SER A 55 33.02 9.09 14.79
N THR A 56 32.90 8.17 15.75
CA THR A 56 33.83 7.07 15.99
C THR A 56 33.24 5.72 15.55
N SER A 57 34.09 4.79 15.10
CA SER A 57 33.68 3.43 14.74
C SER A 57 33.84 2.55 16.00
N PRO A 58 32.79 1.78 16.44
CA PRO A 58 32.94 0.96 17.65
C PRO A 58 33.91 -0.21 17.53
N THR A 59 34.36 -0.54 16.30
CA THR A 59 35.28 -1.65 16.00
C THR A 59 36.74 -1.35 16.37
N ASN A 60 37.16 -0.08 16.29
CA ASN A 60 38.54 0.32 16.57
C ASN A 60 38.65 1.61 17.38
N ASN A 61 37.52 2.33 17.57
CA ASN A 61 37.42 3.62 18.25
C ASN A 61 38.20 4.72 17.50
N GLN A 62 38.13 4.65 16.16
CA GLN A 62 38.77 5.60 15.24
C GLN A 62 37.73 6.48 14.55
N VAL A 63 38.13 7.72 14.23
CA VAL A 63 37.28 8.74 13.62
C VAL A 63 36.89 8.38 12.19
N ILE A 64 35.58 8.41 11.89
CA ILE A 64 35.04 8.18 10.54
C ILE A 64 35.04 9.55 9.88
N ALA A 65 34.39 10.55 10.53
CA ALA A 65 34.25 11.94 10.10
C ALA A 65 33.86 12.82 11.30
N GLU A 66 33.73 14.13 11.06
CA GLU A 66 33.33 15.13 12.05
C GLU A 66 31.96 15.69 11.67
N VAL A 67 31.18 16.11 12.69
CA VAL A 67 29.84 16.69 12.51
C VAL A 67 29.74 17.98 13.31
N VAL A 68 29.35 19.07 12.64
CA VAL A 68 29.14 20.36 13.28
C VAL A 68 27.67 20.33 13.74
N GLU A 69 27.46 20.05 15.04
CA GLU A 69 26.14 19.92 15.67
C GLU A 69 25.24 21.13 15.50
N ALA A 70 23.95 20.94 15.80
CA ALA A 70 22.94 21.99 15.76
C ALA A 70 22.85 22.64 17.13
N SER A 71 22.67 23.97 17.14
CA SER A 71 22.50 24.76 18.36
C SER A 71 20.99 25.04 18.51
N VAL A 72 20.58 25.60 19.66
CA VAL A 72 19.16 25.95 19.91
C VAL A 72 18.75 27.03 18.88
N HIS A 73 19.71 27.92 18.53
CA HIS A 73 19.56 28.97 17.53
C HIS A 73 19.16 28.35 16.19
N ASP A 74 19.87 27.27 15.77
CA ASP A 74 19.60 26.54 14.54
C ASP A 74 18.23 25.88 14.61
N TYR A 75 17.92 25.26 15.76
CA TYR A 75 16.64 24.62 16.03
C TYR A 75 15.47 25.58 15.83
N GLU A 76 15.52 26.77 16.47
CA GLU A 76 14.51 27.81 16.39
C GLU A 76 14.28 28.32 14.97
N GLU A 77 15.37 28.54 14.20
CA GLU A 77 15.33 29.01 12.82
C GLU A 77 14.65 27.99 11.90
N GLY A 78 14.97 26.71 12.11
CA GLY A 78 14.42 25.59 11.36
C GLY A 78 12.99 25.28 11.75
N MET A 79 12.67 25.45 13.03
CA MET A 79 11.34 25.23 13.60
C MET A 79 10.32 26.27 13.11
N ARG A 80 10.76 27.51 12.86
CA ARG A 80 9.90 28.58 12.36
C ARG A 80 9.46 28.29 10.92
N ALA A 81 10.38 27.69 10.11
CA ALA A 81 10.16 27.32 8.71
C ALA A 81 9.41 26.00 8.58
N CYS A 82 9.71 25.02 9.47
CA CYS A 82 9.07 23.71 9.50
C CYS A 82 7.57 23.87 9.77
N PHE A 83 7.23 24.76 10.73
CA PHE A 83 5.87 25.10 11.12
C PHE A 83 5.18 25.81 9.96
N ASP A 84 5.90 26.68 9.24
CA ASP A 84 5.39 27.43 8.10
C ASP A 84 5.12 26.53 6.87
N ALA A 85 6.00 25.53 6.64
CA ALA A 85 5.91 24.56 5.53
C ALA A 85 4.69 23.65 5.65
N ALA A 86 4.23 23.39 6.89
CA ALA A 86 3.08 22.55 7.21
C ALA A 86 1.82 22.96 6.44
N LYS A 87 1.56 24.28 6.32
CA LYS A 87 0.42 24.86 5.58
C LYS A 87 0.35 24.29 4.17
N THR A 88 1.50 24.29 3.47
CA THR A 88 1.66 23.76 2.10
C THR A 88 1.48 22.23 2.09
N TRP A 89 2.17 21.50 2.99
CA TRP A 89 2.15 20.03 3.08
C TRP A 89 0.77 19.43 3.39
N MET A 90 0.04 20.02 4.36
CA MET A 90 -1.30 19.57 4.77
C MET A 90 -2.32 19.71 3.62
N ALA A 91 -2.09 20.68 2.70
CA ALA A 91 -2.91 20.98 1.52
C ALA A 91 -2.70 19.97 0.39
N ILE A 92 -1.57 19.24 0.39
CA ILE A 92 -1.25 18.21 -0.61
C ILE A 92 -2.16 17.00 -0.38
N PRO A 93 -2.85 16.46 -1.41
CA PRO A 93 -3.70 15.27 -1.20
C PRO A 93 -2.89 14.08 -0.68
N ALA A 94 -3.46 13.31 0.26
CA ALA A 94 -2.81 12.13 0.86
C ALA A 94 -2.26 11.13 -0.16
N PRO A 95 -2.96 10.74 -1.28
CA PRO A 95 -2.31 9.82 -2.24
C PRO A 95 -1.07 10.43 -2.89
N LYS A 96 -1.06 11.77 -3.09
CA LYS A 96 0.08 12.50 -3.64
C LYS A 96 1.25 12.56 -2.65
N ARG A 97 0.94 12.60 -1.32
CA ARG A 97 1.93 12.57 -0.24
C ARG A 97 2.55 11.16 -0.20
N GLY A 98 1.73 10.14 -0.47
CA GLY A 98 2.14 8.73 -0.52
C GLY A 98 3.12 8.46 -1.65
N GLU A 99 3.00 9.22 -2.76
CA GLU A 99 3.91 9.12 -3.90
C GLU A 99 5.31 9.64 -3.54
N ILE A 100 5.41 10.64 -2.63
CA ILE A 100 6.70 11.16 -2.18
C ILE A 100 7.41 10.08 -1.36
N VAL A 101 6.67 9.42 -0.44
CA VAL A 101 7.17 8.35 0.41
C VAL A 101 7.52 7.09 -0.46
N ARG A 102 6.83 6.92 -1.61
CA ARG A 102 7.13 5.85 -2.57
C ARG A 102 8.52 6.11 -3.15
N GLN A 103 8.77 7.36 -3.57
CA GLN A 103 10.04 7.83 -4.13
C GLN A 103 11.18 7.75 -3.11
N ILE A 104 10.87 7.98 -1.81
CA ILE A 104 11.86 7.90 -0.72
C ILE A 104 12.39 6.45 -0.64
N GLY A 105 11.48 5.47 -0.75
CA GLY A 105 11.81 4.05 -0.73
C GLY A 105 12.75 3.67 -1.86
N ASP A 106 12.47 4.20 -3.08
CA ASP A 106 13.27 3.96 -4.28
C ASP A 106 14.65 4.61 -4.19
N ALA A 107 14.72 5.78 -3.51
CA ALA A 107 15.96 6.51 -3.28
C ALA A 107 16.85 5.69 -2.34
N LEU A 108 16.24 5.06 -1.33
CA LEU A 108 16.91 4.18 -0.36
C LEU A 108 17.38 2.90 -1.03
N ARG A 109 16.59 2.35 -1.97
CA ARG A 109 16.93 1.16 -2.75
C ARG A 109 18.25 1.35 -3.53
N ALA A 110 18.42 2.54 -4.13
CA ALA A 110 19.60 2.95 -4.89
C ALA A 110 20.86 3.05 -4.03
N LYS A 111 20.71 3.26 -2.70
CA LYS A 111 21.82 3.40 -1.76
C LYS A 111 21.76 2.34 -0.63
N LEU A 112 20.96 1.25 -0.80
CA LEU A 112 20.77 0.17 0.18
C LEU A 112 22.07 -0.41 0.74
N HIS A 113 22.96 -0.79 -0.18
CA HIS A 113 24.30 -1.36 0.04
CA HIS A 113 24.25 -1.37 0.18
C HIS A 113 25.20 -0.41 0.84
N HIS A 114 25.14 0.89 0.51
CA HIS A 114 25.97 1.91 1.16
C HIS A 114 25.49 2.26 2.57
N LEU A 115 24.16 2.43 2.75
CA LEU A 115 23.57 2.78 4.05
C LEU A 115 23.80 1.68 5.09
N GLY A 116 23.64 0.41 4.65
CA GLY A 116 23.87 -0.76 5.49
C GLY A 116 25.28 -0.78 6.01
N ARG A 117 26.24 -0.46 5.12
CA ARG A 117 27.66 -0.33 5.45
C ARG A 117 27.87 0.80 6.47
N LEU A 118 27.26 1.99 6.25
CA LEU A 118 27.39 3.13 7.15
C LEU A 118 26.86 2.82 8.54
N VAL A 119 25.67 2.17 8.61
CA VAL A 119 25.02 1.78 9.84
C VAL A 119 25.94 0.81 10.62
N SER A 120 26.49 -0.21 9.93
CA SER A 120 27.43 -1.19 10.49
C SER A 120 28.69 -0.53 11.03
N LEU A 121 29.31 0.36 10.21
CA LEU A 121 30.52 1.11 10.53
C LEU A 121 30.36 2.07 11.73
N GLU A 122 29.26 2.85 11.77
CA GLU A 122 29.00 3.83 12.82
C GLU A 122 28.36 3.26 14.09
N MET A 123 27.35 2.38 13.96
CA MET A 123 26.62 1.79 15.09
C MET A 123 27.30 0.54 15.69
N GLY A 124 27.84 -0.34 14.84
CA GLY A 124 28.54 -1.55 15.27
C GLY A 124 27.81 -2.86 15.02
N LYS A 125 26.59 -2.80 14.44
CA LYS A 125 25.82 -4.01 14.16
C LYS A 125 26.33 -4.73 12.91
N ILE A 126 26.30 -6.07 12.89
CA ILE A 126 26.80 -6.89 11.76
C ILE A 126 26.12 -6.55 10.44
N LEU A 127 26.87 -6.54 9.31
CA LEU A 127 26.38 -6.21 7.97
C LEU A 127 25.01 -6.75 7.53
N PRO A 128 24.63 -8.04 7.72
CA PRO A 128 23.26 -8.47 7.37
C PRO A 128 22.22 -7.54 8.01
N GLU A 129 22.35 -7.24 9.32
CA GLU A 129 21.54 -6.25 10.05
C GLU A 129 22.13 -4.89 9.60
N GLY A 130 21.30 -3.91 9.33
CA GLY A 130 21.83 -2.65 8.79
C GLY A 130 21.44 -2.60 7.33
N ILE A 131 21.79 -3.66 6.58
CA ILE A 131 21.32 -3.85 5.21
C ILE A 131 19.83 -4.22 5.41
N GLY A 132 19.58 -5.09 6.41
CA GLY A 132 18.25 -5.53 6.80
C GLY A 132 17.41 -4.42 7.38
N GLU A 133 18.05 -3.51 8.14
CA GLU A 133 17.44 -2.35 8.79
C GLU A 133 16.94 -1.34 7.76
N VAL A 134 17.75 -1.05 6.72
CA VAL A 134 17.40 -0.15 5.63
C VAL A 134 16.25 -0.78 4.86
N GLN A 135 16.30 -2.13 4.68
CA GLN A 135 15.27 -2.91 4.01
C GLN A 135 13.94 -2.83 4.78
N GLU A 136 14.01 -2.74 6.12
CA GLU A 136 12.83 -2.55 6.99
C GLU A 136 12.13 -1.21 6.65
N ILE A 137 12.92 -0.13 6.40
CA ILE A 137 12.44 1.21 6.02
C ILE A 137 11.80 1.17 4.63
N ILE A 138 12.49 0.55 3.65
CA ILE A 138 12.04 0.43 2.26
C ILE A 138 10.68 -0.29 2.21
N ASP A 139 10.52 -1.34 3.04
CA ASP A 139 9.29 -2.14 3.20
C ASP A 139 8.16 -1.27 3.74
N MET A 140 8.49 -0.35 4.67
CA MET A 140 7.53 0.57 5.28
C MET A 140 7.05 1.60 4.26
N CYS A 141 7.95 2.02 3.35
CA CYS A 141 7.63 2.97 2.29
C CYS A 141 6.63 2.36 1.31
N ASP A 142 6.78 1.06 1.00
CA ASP A 142 5.88 0.33 0.09
C ASP A 142 4.46 0.23 0.65
N TYR A 143 4.34 0.08 1.98
CA TYR A 143 3.06 -0.02 2.69
C TYR A 143 2.38 1.34 2.80
N ALA A 144 3.16 2.40 3.11
CA ALA A 144 2.71 3.80 3.27
C ALA A 144 2.02 4.37 2.03
N VAL A 145 2.38 3.88 0.82
CA VAL A 145 1.77 4.31 -0.44
C VAL A 145 0.28 3.87 -0.43
N GLY A 146 0.03 2.59 -0.13
CA GLY A 146 -1.31 2.03 -0.06
C GLY A 146 -2.13 2.63 1.06
N LEU A 147 -1.47 2.87 2.21
CA LEU A 147 -2.06 3.49 3.40
C LEU A 147 -2.58 4.90 3.16
N SER A 148 -1.92 5.66 2.24
CA SER A 148 -2.28 7.04 1.88
C SER A 148 -3.67 7.10 1.27
N ARG A 149 -4.08 6.00 0.62
CA ARG A 149 -5.38 5.83 -0.02
C ARG A 149 -6.43 5.36 1.00
N GLN A 150 -5.98 4.95 2.21
CA GLN A 150 -6.82 4.39 3.27
C GLN A 150 -6.95 5.18 4.59
N LEU A 151 -6.56 6.46 4.64
CA LEU A 151 -6.70 7.26 5.88
C LEU A 151 -8.16 7.74 5.96
N ASN A 152 -9.11 6.79 5.94
CA ASN A 152 -10.56 7.01 5.89
C ASN A 152 -11.22 7.53 7.15
N GLY A 153 -12.26 8.33 6.93
CA GLY A 153 -13.16 8.88 7.94
C GLY A 153 -14.43 8.05 7.89
N SER A 154 -15.45 8.41 8.69
CA SER A 154 -16.68 7.62 8.73
C SER A 154 -17.92 8.46 8.61
N ILE A 155 -18.98 7.95 7.94
CA ILE A 155 -20.27 8.67 7.88
C ILE A 155 -21.22 7.88 8.77
N ILE A 156 -21.37 8.34 10.02
CA ILE A 156 -22.19 7.73 11.06
C ILE A 156 -23.68 8.08 10.89
N PRO A 157 -24.61 7.09 11.01
CA PRO A 157 -26.04 7.45 10.96
C PRO A 157 -26.41 8.29 12.20
N SER A 158 -27.09 9.44 11.98
CA SER A 158 -27.52 10.32 13.06
C SER A 158 -28.92 9.88 13.54
N GLU A 159 -29.25 10.15 14.81
CA GLU A 159 -30.56 9.81 15.37
C GLU A 159 -31.59 10.91 15.11
N ARG A 160 -31.15 12.03 14.51
CA ARG A 160 -32.01 13.17 14.19
C ARG A 160 -32.18 13.31 12.65
N PRO A 161 -33.41 13.56 12.15
CA PRO A 161 -33.58 13.69 10.69
C PRO A 161 -32.89 14.95 10.14
N ASN A 162 -32.38 14.86 8.90
CA ASN A 162 -31.66 15.92 8.18
C ASN A 162 -30.42 16.39 8.95
N HIS A 163 -29.62 15.42 9.41
CA HIS A 163 -28.38 15.59 10.14
C HIS A 163 -27.35 14.61 9.58
N MET A 164 -26.17 15.13 9.19
CA MET A 164 -25.07 14.32 8.68
C MET A 164 -23.98 14.23 9.76
N MET A 165 -23.76 13.03 10.31
CA MET A 165 -22.75 12.81 11.33
C MET A 165 -21.54 12.11 10.72
N MET A 166 -20.35 12.65 10.99
CA MET A 166 -19.11 12.11 10.45
C MET A 166 -17.88 12.23 11.35
N GLU A 167 -16.96 11.26 11.21
CA GLU A 167 -15.67 11.20 11.90
C GLU A 167 -14.66 11.72 10.87
N VAL A 168 -13.97 12.83 11.20
CA VAL A 168 -13.02 13.48 10.30
C VAL A 168 -11.58 13.48 10.83
N TRP A 169 -10.62 13.02 10.00
CA TRP A 169 -9.19 12.98 10.32
C TRP A 169 -8.46 14.14 9.67
N ASN A 170 -7.54 14.75 10.41
CA ASN A 170 -6.77 15.90 9.93
C ASN A 170 -5.34 15.83 10.44
N PRO A 171 -4.35 16.33 9.68
CA PRO A 171 -2.95 16.32 10.16
C PRO A 171 -2.78 17.09 11.48
N LEU A 172 -1.84 16.66 12.31
CA LEU A 172 -1.52 17.30 13.59
C LEU A 172 -0.69 18.55 13.35
N GLY A 173 0.17 18.50 12.35
CA GLY A 173 1.02 19.61 11.93
C GLY A 173 2.47 19.23 11.84
N VAL A 174 3.13 19.14 13.00
CA VAL A 174 4.55 18.82 13.12
C VAL A 174 4.72 17.65 14.08
N VAL A 175 5.42 16.62 13.62
CA VAL A 175 5.72 15.44 14.43
C VAL A 175 7.23 15.46 14.77
N GLY A 176 7.51 15.43 16.07
CA GLY A 176 8.86 15.40 16.61
C GLY A 176 9.29 13.98 16.80
N VAL A 177 10.46 13.60 16.24
CA VAL A 177 10.97 12.23 16.35
C VAL A 177 12.35 12.23 17.00
N ILE A 178 12.42 11.73 18.24
CA ILE A 178 13.66 11.59 19.01
C ILE A 178 14.03 10.09 18.98
N THR A 179 15.12 9.75 18.29
CA THR A 179 15.53 8.35 18.13
C THR A 179 16.75 7.94 18.94
N ALA A 180 16.89 6.61 19.15
CA ALA A 180 17.98 5.96 19.86
C ALA A 180 19.06 5.50 18.88
N PHE A 181 20.21 5.07 19.41
CA PHE A 181 21.36 4.63 18.64
C PHE A 181 21.17 3.32 17.90
N ASN A 182 20.44 2.33 18.50
CA ASN A 182 20.28 0.97 17.97
C ASN A 182 19.64 0.79 16.61
N PHE A 183 18.56 1.55 16.36
CA PHE A 183 17.90 1.59 15.05
C PHE A 183 17.96 3.05 14.61
N PRO A 184 19.16 3.46 14.11
CA PRO A 184 19.39 4.88 13.78
C PRO A 184 18.63 5.44 12.58
N CYS A 185 17.79 4.62 11.94
CA CYS A 185 17.01 5.03 10.78
C CYS A 185 15.69 4.27 10.64
N ALA A 186 15.61 3.04 11.19
CA ALA A 186 14.40 2.21 11.14
C ALA A 186 13.27 2.84 11.96
N VAL A 187 13.60 3.37 13.16
CA VAL A 187 12.63 4.04 14.02
C VAL A 187 12.10 5.30 13.33
N LEU A 188 13.00 6.10 12.71
CA LEU A 188 12.59 7.28 11.95
C LEU A 188 11.71 6.84 10.77
N GLY A 189 12.15 5.82 10.04
CA GLY A 189 11.45 5.25 8.89
C GLY A 189 10.00 4.95 9.18
N TRP A 190 9.73 4.14 10.25
CA TRP A 190 8.37 3.81 10.66
C TRP A 190 7.55 5.05 11.01
N ASN A 191 8.17 6.00 11.72
CA ASN A 191 7.51 7.23 12.14
C ASN A 191 7.29 8.22 11.00
N ALA A 192 8.36 8.60 10.26
CA ALA A 192 8.31 9.54 9.15
C ALA A 192 7.39 9.09 8.01
N CYS A 193 7.43 7.80 7.60
CA CYS A 193 6.55 7.29 6.53
C CYS A 193 5.09 7.57 6.86
N ILE A 194 4.67 7.24 8.10
CA ILE A 194 3.31 7.43 8.59
C ILE A 194 3.02 8.92 8.75
N ALA A 195 3.90 9.65 9.45
CA ALA A 195 3.74 11.08 9.69
C ALA A 195 3.59 11.88 8.40
N LEU A 196 4.47 11.64 7.42
CA LEU A 196 4.45 12.35 6.14
C LEU A 196 3.20 12.07 5.33
N VAL A 197 2.79 10.79 5.25
CA VAL A 197 1.59 10.35 4.53
C VAL A 197 0.34 10.95 5.18
N CYS A 198 0.37 11.11 6.52
CA CYS A 198 -0.71 11.70 7.32
C CYS A 198 -0.72 13.24 7.30
N GLY A 199 0.10 13.85 6.45
CA GLY A 199 0.16 15.28 6.26
C GLY A 199 0.94 16.09 7.25
N ASN A 200 1.84 15.44 7.99
CA ASN A 200 2.64 16.13 8.99
C ASN A 200 4.06 16.34 8.53
N CYS A 201 4.66 17.40 9.04
CA CYS A 201 6.07 17.69 8.83
C CYS A 201 6.82 16.94 9.91
N VAL A 202 8.08 16.60 9.65
CA VAL A 202 8.88 15.82 10.58
C VAL A 202 10.11 16.58 11.02
N VAL A 203 10.26 16.74 12.35
CA VAL A 203 11.45 17.31 12.98
C VAL A 203 12.16 16.14 13.70
N TRP A 204 13.31 15.73 13.14
CA TRP A 204 14.09 14.60 13.61
C TRP A 204 15.34 14.98 14.39
N LYS A 205 15.52 14.33 15.53
CA LYS A 205 16.70 14.45 16.38
C LYS A 205 17.22 13.03 16.58
N GLY A 206 18.30 12.72 15.87
CA GLY A 206 18.94 11.41 15.93
C GLY A 206 19.83 11.29 17.15
N ALA A 207 20.26 10.06 17.47
CA ALA A 207 21.16 9.80 18.60
C ALA A 207 22.47 10.57 18.43
N PRO A 208 23.04 11.10 19.54
CA PRO A 208 24.27 11.90 19.41
C PRO A 208 25.49 11.12 18.90
N THR A 209 25.46 9.77 19.05
CA THR A 209 26.56 8.87 18.65
C THR A 209 26.37 8.30 17.25
N THR A 210 25.31 8.74 16.56
CA THR A 210 24.95 8.24 15.24
C THR A 210 24.67 9.41 14.19
N PRO A 211 25.44 10.55 14.23
CA PRO A 211 25.14 11.68 13.32
C PRO A 211 25.27 11.46 11.82
N LEU A 212 26.23 10.62 11.40
CA LEU A 212 26.45 10.38 9.98
C LEU A 212 25.30 9.64 9.34
N ILE A 213 24.67 8.70 10.09
CA ILE A 213 23.50 7.97 9.61
C ILE A 213 22.36 8.97 9.46
N THR A 214 22.20 9.88 10.44
CA THR A 214 21.18 10.93 10.45
C THR A 214 21.30 11.85 9.23
N ILE A 215 22.54 12.28 8.91
CA ILE A 215 22.81 13.14 7.75
C ILE A 215 22.50 12.42 6.43
N ALA A 216 23.08 11.23 6.23
CA ALA A 216 22.90 10.39 5.03
C ALA A 216 21.44 10.03 4.76
N MET A 217 20.67 9.77 5.82
CA MET A 217 19.24 9.47 5.75
C MET A 217 18.47 10.73 5.31
N THR A 218 18.82 11.90 5.91
CA THR A 218 18.22 13.20 5.59
C THR A 218 18.49 13.62 4.14
N LYS A 219 19.72 13.36 3.64
CA LYS A 219 20.10 13.70 2.28
C LYS A 219 19.29 12.96 1.23
N ILE A 220 18.86 11.72 1.55
CA ILE A 220 18.01 10.90 0.68
C ILE A 220 16.60 11.52 0.62
N VAL A 221 16.06 11.91 1.80
CA VAL A 221 14.73 12.51 1.90
C VAL A 221 14.74 13.86 1.18
N ALA A 222 15.74 14.70 1.49
CA ALA A 222 15.94 16.03 0.91
C ALA A 222 16.00 15.98 -0.62
N SER A 223 16.63 14.92 -1.17
CA SER A 223 16.75 14.67 -2.60
C SER A 223 15.39 14.57 -3.27
N VAL A 224 14.49 13.72 -2.72
CA VAL A 224 13.12 13.50 -3.19
C VAL A 224 12.30 14.81 -3.07
N LEU A 225 12.34 15.48 -1.90
CA LEU A 225 11.61 16.74 -1.68
C LEU A 225 11.98 17.85 -2.67
N GLU A 226 13.29 17.98 -2.99
CA GLU A 226 13.81 18.96 -3.94
C GLU A 226 13.39 18.61 -5.38
N LYS A 227 13.45 17.31 -5.75
CA LYS A 227 13.06 16.78 -7.07
C LYS A 227 11.59 17.04 -7.40
N ASN A 228 10.76 17.28 -6.38
CA ASN A 228 9.33 17.52 -6.51
C ASN A 228 8.91 18.97 -6.19
N ASN A 229 9.90 19.88 -6.10
CA ASN A 229 9.72 21.32 -5.81
C ASN A 229 8.92 21.59 -4.52
N LEU A 230 9.24 20.82 -3.48
CA LEU A 230 8.63 20.91 -2.15
C LEU A 230 9.63 21.52 -1.18
N PRO A 231 9.18 22.33 -0.19
CA PRO A 231 10.14 22.90 0.77
C PRO A 231 10.84 21.81 1.60
N GLY A 232 12.16 21.93 1.74
CA GLY A 232 12.97 21.00 2.51
C GLY A 232 12.59 20.93 3.96
N ALA A 233 11.96 22.02 4.49
CA ALA A 233 11.48 22.17 5.88
C ALA A 233 10.44 21.11 6.28
N ILE A 234 9.87 20.38 5.31
CA ILE A 234 8.92 19.27 5.52
C ILE A 234 9.64 18.18 6.33
N PHE A 235 10.95 18.00 6.07
CA PHE A 235 11.80 17.06 6.77
C PHE A 235 12.98 17.79 7.39
N THR A 236 12.78 18.34 8.58
CA THR A 236 13.82 19.04 9.33
C THR A 236 14.55 17.98 10.19
N SER A 237 15.89 18.07 10.27
CA SER A 237 16.69 17.16 11.08
C SER A 237 17.85 17.86 11.77
N PHE A 238 18.21 17.39 12.99
CA PHE A 238 19.29 17.97 13.79
C PHE A 238 20.19 16.92 14.43
N CYS A 239 21.48 17.25 14.53
CA CYS A 239 22.47 16.42 15.21
C CYS A 239 22.84 17.16 16.49
N GLY A 240 22.73 16.46 17.62
CA GLY A 240 23.03 17.03 18.92
C GLY A 240 22.68 16.12 20.08
N GLY A 241 22.92 16.63 21.28
CA GLY A 241 22.64 15.92 22.52
C GLY A 241 21.23 16.14 23.03
N THR A 242 21.07 16.00 24.37
CA THR A 242 19.78 16.18 25.03
C THR A 242 19.17 17.60 24.92
N GLU A 243 20.02 18.62 24.60
CA GLU A 243 19.64 20.01 24.42
C GLU A 243 18.50 20.19 23.39
N ILE A 244 18.69 19.67 22.15
CA ILE A 244 17.71 19.74 21.06
C ILE A 244 16.49 18.86 21.38
N GLY A 245 16.72 17.75 22.08
CA GLY A 245 15.67 16.82 22.50
C GLY A 245 14.71 17.45 23.48
N GLN A 246 15.25 18.19 24.47
CA GLN A 246 14.49 18.93 25.49
C GLN A 246 13.67 20.03 24.82
N ALA A 247 14.28 20.73 23.83
CA ALA A 247 13.67 21.79 23.02
C ALA A 247 12.42 21.27 22.31
N ILE A 248 12.48 20.05 21.74
CA ILE A 248 11.34 19.40 21.06
C ILE A 248 10.22 19.13 22.08
N ALA A 249 10.57 18.49 23.23
CA ALA A 249 9.63 18.14 24.30
C ALA A 249 8.90 19.35 24.90
N LEU A 250 9.55 20.53 24.93
CA LEU A 250 8.97 21.77 25.46
C LEU A 250 8.28 22.65 24.40
N ASP A 251 8.49 22.34 23.09
CA ASP A 251 7.94 23.11 21.98
C ASP A 251 6.44 22.96 21.80
N ILE A 252 5.71 24.06 22.01
CA ILE A 252 4.26 24.13 21.86
C ILE A 252 3.78 23.96 20.40
N ARG A 253 4.70 24.16 19.43
CA ARG A 253 4.44 24.02 17.98
C ARG A 253 4.43 22.55 17.52
N ILE A 254 4.83 21.61 18.41
CA ILE A 254 4.91 20.18 18.11
C ILE A 254 3.82 19.38 18.88
N PRO A 255 2.64 19.15 18.26
CA PRO A 255 1.57 18.41 18.96
C PRO A 255 1.90 16.97 19.33
N LEU A 256 2.76 16.28 18.55
CA LEU A 256 3.14 14.88 18.80
C LEU A 256 4.64 14.67 18.81
N VAL A 257 5.15 14.09 19.91
CA VAL A 257 6.58 13.77 20.08
C VAL A 257 6.74 12.27 20.15
N SER A 258 7.38 11.67 19.15
CA SER A 258 7.62 10.23 19.14
C SER A 258 8.99 9.98 19.73
N PHE A 259 9.02 9.42 20.95
CA PHE A 259 10.25 9.13 21.65
C PHE A 259 10.61 7.65 21.63
N THR A 260 11.92 7.38 21.42
CA THR A 260 12.51 6.05 21.38
C THR A 260 13.83 6.10 22.15
N GLY A 261 13.84 5.47 23.32
CA GLY A 261 14.97 5.43 24.23
C GLY A 261 14.61 4.76 25.55
N SER A 262 15.44 4.99 26.58
CA SER A 262 15.28 4.43 27.93
C SER A 262 13.94 4.82 28.59
N THR A 263 13.57 4.11 29.69
CA THR A 263 12.36 4.40 30.46
C THR A 263 12.61 5.68 31.29
N ARG A 264 13.87 5.88 31.70
CA ARG A 264 14.33 7.04 32.48
C ARG A 264 14.14 8.36 31.71
N ALA A 265 14.55 8.40 30.42
CA ALA A 265 14.41 9.56 29.56
C ALA A 265 12.99 9.67 29.01
N GLY A 266 12.34 8.52 28.81
CA GLY A 266 10.97 8.42 28.30
C GLY A 266 9.96 9.13 29.18
N LEU A 267 10.03 8.89 30.50
CA LEU A 267 9.18 9.52 31.52
C LEU A 267 9.42 11.02 31.57
N MET A 268 10.69 11.44 31.44
CA MET A 268 11.13 12.84 31.43
C MET A 268 10.48 13.59 30.27
N VAL A 269 10.55 13.01 29.05
CA VAL A 269 9.97 13.55 27.82
C VAL A 269 8.45 13.58 27.98
N GLN A 270 7.84 12.46 28.42
CA GLN A 270 6.39 12.34 28.63
C GLN A 270 5.86 13.43 29.55
N GLN A 271 6.51 13.65 30.70
CA GLN A 271 6.10 14.67 31.67
C GLN A 271 6.15 16.10 31.17
N GLN A 272 7.16 16.43 30.33
CA GLN A 272 7.27 17.76 29.71
C GLN A 272 6.20 17.97 28.64
N VAL A 273 5.91 16.91 27.85
CA VAL A 273 4.93 16.91 26.77
C VAL A 273 3.49 16.95 27.33
N SER A 274 3.20 16.14 28.39
CA SER A 274 1.88 16.09 29.05
C SER A 274 1.50 17.43 29.67
N ALA A 275 2.51 18.13 30.24
CA ALA A 275 2.35 19.45 30.88
C ALA A 275 1.81 20.50 29.91
N ARG A 276 2.28 20.47 28.65
CA ARG A 276 1.86 21.40 27.60
C ARG A 276 0.66 20.90 26.78
N PHE A 277 -0.07 19.90 27.32
CA PHE A 277 -1.27 19.28 26.73
C PHE A 277 -1.04 18.66 25.35
N GLY A 278 0.20 18.20 25.13
CA GLY A 278 0.59 17.54 23.90
C GLY A 278 0.52 16.04 24.07
N LYS A 279 0.66 15.31 22.96
CA LYS A 279 0.64 13.85 22.96
C LYS A 279 2.01 13.31 22.59
N CYS A 280 2.37 12.15 23.14
CA CYS A 280 3.66 11.53 22.84
C CYS A 280 3.56 10.03 22.64
N LEU A 281 4.27 9.54 21.64
CA LEU A 281 4.35 8.13 21.30
C LEU A 281 5.59 7.59 22.01
N LEU A 282 5.38 6.66 22.95
CA LEU A 282 6.48 6.10 23.72
C LEU A 282 6.82 4.66 23.36
N GLU A 283 8.08 4.45 22.96
CA GLU A 283 8.65 3.16 22.61
C GLU A 283 9.90 3.02 23.47
N LEU A 284 9.69 2.53 24.69
CA LEU A 284 10.68 2.44 25.76
C LEU A 284 11.41 1.10 25.91
N SER A 285 12.08 0.91 27.09
CA SER A 285 12.86 -0.28 27.44
C SER A 285 12.05 -1.58 27.46
N GLY A 286 12.74 -2.68 27.20
CA GLY A 286 12.16 -4.03 27.19
C GLY A 286 13.09 -5.06 27.79
N ASN A 287 12.64 -5.73 28.86
CA ASN A 287 13.37 -6.81 29.54
C ASN A 287 12.71 -8.16 29.17
N ASN A 288 12.65 -8.42 27.85
CA ASN A 288 12.03 -9.57 27.17
C ASN A 288 12.50 -10.93 27.60
N ALA A 289 11.52 -11.84 27.78
CA ALA A 289 11.74 -13.21 28.25
C ALA A 289 11.28 -14.29 27.28
N ILE A 290 12.01 -15.43 27.28
CA ILE A 290 11.67 -16.60 26.50
C ILE A 290 11.43 -17.75 27.48
N ILE A 291 10.23 -18.36 27.40
CA ILE A 291 9.82 -19.48 28.25
C ILE A 291 9.98 -20.77 27.46
N VAL A 292 10.78 -21.70 27.97
CA VAL A 292 10.98 -22.98 27.30
C VAL A 292 10.28 -24.09 28.10
N MET A 293 9.23 -24.67 27.51
CA MET A 293 8.46 -25.76 28.09
C MET A 293 9.18 -27.08 27.82
N ASP A 294 8.93 -28.10 28.64
CA ASP A 294 9.55 -29.43 28.52
C ASP A 294 9.28 -30.14 27.19
N ASP A 295 8.10 -29.90 26.58
CA ASP A 295 7.65 -30.49 25.33
C ASP A 295 8.08 -29.71 24.06
N ALA A 296 8.94 -28.69 24.23
CA ALA A 296 9.43 -27.85 23.13
C ALA A 296 10.41 -28.56 22.20
N ASP A 297 10.58 -27.99 20.98
CA ASP A 297 11.57 -28.42 19.98
C ASP A 297 12.89 -27.77 20.44
N ILE A 298 13.68 -28.54 21.21
CA ILE A 298 14.95 -28.07 21.80
C ILE A 298 15.93 -27.49 20.77
N GLN A 299 15.95 -28.06 19.55
CA GLN A 299 16.79 -27.55 18.46
C GLN A 299 16.35 -26.15 18.05
N LEU A 300 15.02 -25.95 17.86
CA LEU A 300 14.41 -24.67 17.51
C LEU A 300 14.61 -23.65 18.63
N ALA A 301 14.32 -24.05 19.89
CA ALA A 301 14.44 -23.20 21.07
C ALA A 301 15.87 -22.71 21.33
N VAL A 302 16.89 -23.59 21.21
CA VAL A 302 18.32 -23.23 21.41
C VAL A 302 18.77 -22.22 20.35
N ARG A 303 18.49 -22.50 19.05
CA ARG A 303 18.82 -21.64 17.91
C ARG A 303 18.19 -20.26 18.11
N SER A 304 16.87 -20.23 18.43
CA SER A 304 16.08 -19.02 18.69
C SER A 304 16.66 -18.20 19.84
N VAL A 305 16.94 -18.84 21.01
CA VAL A 305 17.50 -18.18 22.20
C VAL A 305 18.84 -17.51 21.90
N LEU A 306 19.70 -18.18 21.10
CA LEU A 306 21.00 -17.64 20.72
C LEU A 306 20.84 -16.34 19.94
N PHE A 307 20.13 -16.37 18.80
CA PHE A 307 19.93 -15.20 17.95
C PHE A 307 19.11 -14.08 18.59
N ALA A 308 18.24 -14.41 19.55
CA ALA A 308 17.44 -13.42 20.28
C ALA A 308 18.29 -12.68 21.32
N ALA A 309 19.22 -13.40 21.99
CA ALA A 309 20.09 -12.86 23.03
C ALA A 309 21.41 -12.24 22.53
N VAL A 310 22.06 -12.89 21.56
CA VAL A 310 23.34 -12.45 20.99
C VAL A 310 23.18 -11.37 19.88
N GLY A 311 22.05 -11.40 19.16
CA GLY A 311 21.73 -10.47 18.09
C GLY A 311 21.85 -9.00 18.47
N THR A 312 22.68 -8.26 17.68
CA THR A 312 23.01 -6.82 17.83
C THR A 312 23.74 -6.56 19.16
N ALA A 313 24.54 -7.56 19.62
CA ALA A 313 25.28 -7.56 20.89
C ALA A 313 24.38 -7.24 22.10
N GLY A 314 23.15 -7.78 22.05
CA GLY A 314 22.13 -7.59 23.08
C GLY A 314 21.62 -6.15 23.20
N GLN A 315 21.90 -5.32 22.17
CA GLN A 315 21.53 -3.90 22.13
C GLN A 315 20.27 -3.66 21.31
N ARG A 316 19.31 -4.59 21.37
CA ARG A 316 18.00 -4.46 20.72
C ARG A 316 16.97 -4.28 21.82
N CYS A 317 15.90 -3.53 21.54
CA CYS A 317 14.79 -3.33 22.48
C CYS A 317 14.05 -4.66 22.72
N THR A 318 14.05 -5.54 21.70
CA THR A 318 13.41 -6.85 21.66
C THR A 318 14.37 -8.00 22.03
N THR A 319 15.61 -7.68 22.47
CA THR A 319 16.60 -8.68 22.87
C THR A 319 16.10 -9.49 24.07
N CYS A 320 16.24 -10.84 24.00
CA CYS A 320 15.87 -11.75 25.09
C CYS A 320 16.93 -11.60 26.20
N ARG A 321 16.48 -11.14 27.38
CA ARG A 321 17.33 -10.90 28.54
C ARG A 321 17.05 -11.92 29.63
N ARG A 322 15.86 -12.55 29.58
CA ARG A 322 15.44 -13.53 30.56
C ARG A 322 15.06 -14.86 29.90
N LEU A 323 15.65 -15.96 30.38
CA LEU A 323 15.37 -17.31 29.91
C LEU A 323 14.68 -18.07 31.04
N ILE A 324 13.39 -18.35 30.86
CA ILE A 324 12.60 -19.07 31.86
C ILE A 324 12.52 -20.55 31.43
N LEU A 325 13.41 -21.36 32.03
CA LEU A 325 13.59 -22.78 31.70
C LEU A 325 12.85 -23.77 32.60
N HIS A 326 12.22 -24.79 31.97
CA HIS A 326 11.52 -25.86 32.68
C HIS A 326 12.55 -26.81 33.29
N GLU A 327 12.35 -27.20 34.57
CA GLU A 327 13.22 -28.08 35.35
C GLU A 327 13.64 -29.40 34.66
N ASN A 328 12.70 -30.01 33.89
CA ASN A 328 12.91 -31.27 33.17
C ASN A 328 13.95 -31.15 32.05
N ILE A 329 13.98 -29.98 31.38
CA ILE A 329 14.90 -29.68 30.28
C ILE A 329 16.06 -28.76 30.68
N TYR A 330 15.96 -28.10 31.87
CA TYR A 330 16.92 -27.14 32.41
C TYR A 330 18.38 -27.40 32.06
N GLN A 331 19.02 -28.42 32.66
CA GLN A 331 20.43 -28.75 32.44
C GLN A 331 20.74 -29.04 30.98
N THR A 332 20.08 -30.04 30.39
CA THR A 332 20.25 -30.42 28.97
C THR A 332 20.14 -29.25 27.99
N PHE A 333 19.28 -28.24 28.30
CA PHE A 333 19.12 -27.05 27.47
C PHE A 333 20.32 -26.13 27.56
N LEU A 334 20.70 -25.70 28.78
CA LEU A 334 21.83 -24.79 28.92
C LEU A 334 23.20 -25.35 28.58
N ASP A 335 23.45 -26.67 28.78
CA ASP A 335 24.75 -27.22 28.36
C ASP A 335 24.84 -27.17 26.83
N GLN A 336 23.73 -27.46 26.12
CA GLN A 336 23.74 -27.36 24.66
C GLN A 336 23.61 -25.92 24.14
N LEU A 337 23.33 -24.96 25.05
CA LEU A 337 23.26 -23.53 24.75
C LEU A 337 24.66 -22.92 24.88
N VAL A 338 25.43 -23.36 25.91
CA VAL A 338 26.82 -22.96 26.17
C VAL A 338 27.69 -23.48 25.00
N GLU A 339 27.40 -24.72 24.54
CA GLU A 339 28.06 -25.39 23.42
C GLU A 339 27.94 -24.55 22.15
N VAL A 340 26.78 -23.89 21.98
CA VAL A 340 26.46 -23.01 20.86
C VAL A 340 27.11 -21.61 21.07
N TYR A 341 27.07 -21.11 22.33
CA TYR A 341 27.67 -19.83 22.75
C TYR A 341 29.18 -19.80 22.54
N LYS A 342 29.82 -20.99 22.63
CA LYS A 342 31.27 -21.16 22.42
C LYS A 342 31.63 -20.95 20.94
N GLN A 343 30.66 -21.20 20.05
CA GLN A 343 30.81 -21.10 18.60
C GLN A 343 30.51 -19.70 18.02
N VAL A 344 30.17 -18.71 18.86
CA VAL A 344 29.86 -17.35 18.42
C VAL A 344 31.12 -16.63 17.94
N ARG A 345 31.12 -16.21 16.65
CA ARG A 345 32.22 -15.49 16.00
C ARG A 345 32.13 -14.03 16.42
N ILE A 346 33.16 -13.54 17.14
CA ILE A 346 33.22 -12.15 17.59
C ILE A 346 34.27 -11.44 16.74
N GLY A 347 33.85 -10.46 15.95
CA GLY A 347 34.76 -9.71 15.10
C GLY A 347 34.22 -8.43 14.51
N ASP A 348 34.82 -7.99 13.39
CA ASP A 348 34.43 -6.79 12.65
C ASP A 348 33.02 -7.02 12.05
N PRO A 349 32.03 -6.14 12.37
CA PRO A 349 30.68 -6.33 11.80
C PRO A 349 30.62 -6.32 10.26
N LEU A 350 31.64 -5.73 9.61
CA LEU A 350 31.76 -5.65 8.14
C LEU A 350 32.39 -6.91 7.53
N GLU A 351 33.15 -7.67 8.35
CA GLU A 351 33.80 -8.94 7.97
C GLU A 351 32.74 -10.05 7.88
N LYS A 352 32.82 -10.87 6.83
CA LYS A 352 31.89 -12.00 6.61
C LYS A 352 32.05 -13.06 7.70
N GLY A 353 30.92 -13.58 8.18
CA GLY A 353 30.88 -14.62 9.19
C GLY A 353 30.76 -14.15 10.63
N THR A 354 30.89 -12.83 10.86
CA THR A 354 30.79 -12.23 12.20
C THR A 354 29.34 -12.37 12.70
N LEU A 355 29.19 -12.93 13.90
CA LEU A 355 27.87 -13.12 14.51
C LEU A 355 27.64 -12.08 15.61
N LEU A 356 28.70 -11.74 16.36
CA LEU A 356 28.67 -10.73 17.43
C LEU A 356 29.72 -9.65 17.15
N GLY A 357 29.27 -8.40 17.16
CA GLY A 357 30.12 -7.24 16.96
C GLY A 357 30.40 -6.51 18.27
N PRO A 358 30.86 -5.24 18.24
CA PRO A 358 31.12 -4.54 19.50
C PRO A 358 29.88 -3.82 20.06
N LEU A 359 30.00 -3.28 21.29
CA LEU A 359 28.95 -2.46 21.89
C LEU A 359 29.18 -1.06 21.33
N HIS A 360 28.11 -0.28 21.11
CA HIS A 360 28.17 1.03 20.46
C HIS A 360 29.21 2.04 20.95
N THR A 361 29.46 2.10 22.27
CA THR A 361 30.39 3.05 22.87
C THR A 361 31.29 2.44 23.95
N PRO A 362 32.42 3.09 24.33
CA PRO A 362 33.24 2.56 25.43
C PRO A 362 32.51 2.63 26.78
N ALA A 363 31.58 3.60 26.91
CA ALA A 363 30.74 3.82 28.10
C ALA A 363 29.84 2.60 28.35
N SER A 364 29.19 2.07 27.28
CA SER A 364 28.32 0.89 27.35
C SER A 364 29.13 -0.36 27.74
N LYS A 365 30.41 -0.45 27.31
CA LYS A 365 31.33 -1.55 27.67
C LYS A 365 31.62 -1.48 29.17
N GLU A 366 31.81 -0.25 29.72
CA GLU A 366 32.06 -0.01 31.14
C GLU A 366 30.82 -0.36 31.97
N ASN A 367 29.62 -0.03 31.45
CA ASN A 367 28.33 -0.32 32.09
C ASN A 367 28.09 -1.82 32.18
N PHE A 368 28.44 -2.56 31.09
CA PHE A 368 28.32 -4.02 31.02
C PHE A 368 29.18 -4.66 32.13
N LEU A 369 30.45 -4.26 32.21
CA LEU A 369 31.42 -4.79 33.18
C LEU A 369 31.04 -4.51 34.63
N LYS A 370 30.54 -3.29 34.93
CA LYS A 370 30.09 -2.96 36.28
C LYS A 370 28.80 -3.72 36.64
N GLY A 371 28.00 -4.01 35.62
CA GLY A 371 26.77 -4.79 35.76
C GLY A 371 27.06 -6.23 36.16
N ILE A 372 28.08 -6.85 35.53
CA ILE A 372 28.56 -8.22 35.82
C ILE A 372 28.90 -8.32 37.31
N GLN A 373 29.55 -7.27 37.87
CA GLN A 373 29.92 -7.17 39.28
C GLN A 373 28.69 -7.14 40.18
N THR A 374 27.67 -6.31 39.83
CA THR A 374 26.43 -6.25 40.64
C THR A 374 25.62 -7.54 40.52
N ILE A 375 25.70 -8.23 39.37
CA ILE A 375 25.04 -9.51 39.11
C ILE A 375 25.63 -10.56 40.08
N LYS A 376 26.98 -10.58 40.23
CA LYS A 376 27.72 -11.46 41.14
C LYS A 376 27.31 -11.21 42.60
N SER A 377 27.09 -9.92 42.96
CA SER A 377 26.66 -9.45 44.28
C SER A 377 25.30 -10.04 44.66
N GLN A 378 24.35 -10.06 43.71
CA GLN A 378 22.99 -10.58 43.90
C GLN A 378 22.85 -12.11 43.79
N GLY A 379 24.00 -12.80 43.80
CA GLY A 379 24.05 -14.26 43.75
C GLY A 379 24.02 -14.90 42.37
N GLY A 380 24.24 -14.09 41.34
CA GLY A 380 24.27 -14.55 39.95
C GLY A 380 25.52 -15.34 39.65
N LYS A 381 25.34 -16.60 39.17
CA LYS A 381 26.45 -17.49 38.82
C LYS A 381 26.65 -17.53 37.31
N ILE A 382 27.74 -16.88 36.84
CA ILE A 382 28.10 -16.79 35.42
C ILE A 382 28.48 -18.15 34.84
N LEU A 383 27.59 -18.70 33.99
CA LEU A 383 27.74 -19.98 33.31
C LEU A 383 28.71 -19.90 32.15
N PHE A 384 28.70 -18.76 31.42
CA PHE A 384 29.56 -18.49 30.27
C PHE A 384 29.82 -16.99 30.11
N GLY A 385 31.00 -16.64 29.61
CA GLY A 385 31.42 -15.26 29.36
C GLY A 385 31.61 -14.41 30.60
N GLY A 386 31.08 -13.19 30.55
CA GLY A 386 31.13 -12.21 31.63
C GLY A 386 32.33 -11.29 31.64
N SER A 387 33.33 -11.59 30.78
CA SER A 387 34.57 -10.82 30.67
C SER A 387 34.65 -9.97 29.40
N ALA A 388 35.50 -8.93 29.43
CA ALA A 388 35.74 -8.07 28.29
C ALA A 388 36.78 -8.71 27.37
N ILE A 389 36.84 -8.28 26.10
CA ILE A 389 37.80 -8.79 25.12
C ILE A 389 38.84 -7.72 24.86
N GLU A 390 40.14 -8.07 24.99
CA GLU A 390 41.25 -7.15 24.75
C GLU A 390 41.41 -6.86 23.26
N SER A 391 40.98 -5.66 22.86
CA SER A 391 41.04 -5.13 21.50
C SER A 391 40.91 -3.60 21.55
N GLU A 392 41.00 -2.94 20.37
CA GLU A 392 40.84 -1.50 20.22
C GLU A 392 39.34 -1.09 20.33
N GLY A 393 38.45 -1.96 19.86
CA GLY A 393 37.01 -1.75 19.90
C GLY A 393 36.36 -2.13 21.22
N ASN A 394 35.04 -1.89 21.33
CA ASN A 394 34.24 -2.14 22.54
C ASN A 394 33.62 -3.55 22.59
N PHE A 395 34.48 -4.58 22.54
CA PHE A 395 34.08 -5.98 22.53
C PHE A 395 33.98 -6.61 23.91
N VAL A 396 32.91 -7.38 24.13
CA VAL A 396 32.64 -8.13 25.37
C VAL A 396 32.15 -9.54 25.00
N GLN A 397 32.27 -10.49 25.94
CA GLN A 397 31.85 -11.87 25.77
C GLN A 397 30.34 -12.03 25.97
N PRO A 398 29.65 -12.88 25.17
CA PRO A 398 28.22 -13.11 25.40
C PRO A 398 28.09 -13.90 26.71
N THR A 399 27.26 -13.39 27.64
CA THR A 399 27.10 -13.94 28.99
C THR A 399 25.79 -14.68 29.25
N ILE A 400 25.87 -15.80 29.98
CA ILE A 400 24.75 -16.61 30.47
C ILE A 400 24.87 -16.61 32.01
N VAL A 401 23.79 -16.22 32.72
CA VAL A 401 23.78 -16.11 34.18
C VAL A 401 22.67 -16.94 34.85
N GLU A 402 23.06 -17.91 35.71
CA GLU A 402 22.12 -18.68 36.52
C GLU A 402 21.77 -17.76 37.70
N ILE A 403 20.49 -17.39 37.84
CA ILE A 403 20.02 -16.44 38.87
C ILE A 403 18.58 -16.73 39.31
N THR A 404 18.24 -16.33 40.54
CA THR A 404 16.89 -16.43 41.10
C THR A 404 16.05 -15.27 40.56
N PRO A 405 14.74 -15.47 40.25
CA PRO A 405 13.92 -14.35 39.75
C PRO A 405 13.76 -13.18 40.74
N SER A 406 13.94 -13.44 42.04
CA SER A 406 13.85 -12.49 43.15
C SER A 406 14.91 -11.38 43.13
N ALA A 407 16.07 -11.62 42.46
CA ALA A 407 17.18 -10.67 42.37
C ALA A 407 16.81 -9.36 41.66
N PRO A 408 17.14 -8.18 42.27
CA PRO A 408 16.77 -6.89 41.65
C PRO A 408 17.28 -6.62 40.24
N VAL A 409 18.55 -7.02 39.93
CA VAL A 409 19.18 -6.83 38.62
C VAL A 409 18.35 -7.36 37.46
N VAL A 410 17.58 -8.45 37.72
CA VAL A 410 16.68 -9.10 36.76
C VAL A 410 15.64 -8.08 36.26
N LYS A 411 14.97 -7.37 37.18
CA LYS A 411 13.95 -6.35 36.88
C LYS A 411 14.49 -5.10 36.17
N GLU A 412 15.83 -4.92 36.15
CA GLU A 412 16.51 -3.81 35.49
C GLU A 412 16.74 -4.14 34.01
N GLU A 413 17.36 -3.20 33.25
CA GLU A 413 17.67 -3.43 31.84
C GLU A 413 19.14 -3.07 31.55
N LEU A 414 19.93 -4.10 31.22
CA LEU A 414 21.34 -3.96 30.87
C LEU A 414 21.43 -4.09 29.36
N PHE A 415 21.93 -3.04 28.70
CA PHE A 415 22.04 -2.98 27.25
C PHE A 415 23.32 -3.62 26.66
N GLY A 416 23.51 -4.90 27.00
CA GLY A 416 24.62 -5.73 26.54
C GLY A 416 24.22 -7.19 26.40
N PRO A 417 25.12 -8.09 25.94
CA PRO A 417 24.73 -9.51 25.80
C PRO A 417 24.76 -10.33 27.09
N VAL A 418 23.84 -10.03 28.03
CA VAL A 418 23.68 -10.74 29.30
C VAL A 418 22.31 -11.44 29.29
N LEU A 419 22.31 -12.77 29.48
CA LEU A 419 21.10 -13.57 29.54
C LEU A 419 20.92 -14.18 30.92
N TYR A 420 19.83 -13.85 31.61
CA TYR A 420 19.50 -14.40 32.92
C TYR A 420 18.67 -15.66 32.72
N VAL A 421 19.03 -16.75 33.39
CA VAL A 421 18.30 -18.01 33.27
C VAL A 421 17.79 -18.53 34.60
N MET A 422 16.45 -18.68 34.72
CA MET A 422 15.80 -19.18 35.93
C MET A 422 14.86 -20.35 35.68
N LYS A 423 14.92 -21.33 36.59
CA LYS A 423 14.14 -22.58 36.61
C LYS A 423 12.69 -22.34 37.06
N PHE A 424 11.74 -23.11 36.49
CA PHE A 424 10.31 -23.07 36.82
C PHE A 424 9.71 -24.49 36.76
N GLN A 425 8.57 -24.70 37.46
CA GLN A 425 7.89 -25.99 37.50
C GLN A 425 6.58 -26.02 36.71
N THR A 426 5.66 -25.04 36.96
CA THR A 426 4.36 -24.96 36.28
C THR A 426 4.20 -23.67 35.45
N LEU A 427 3.24 -23.66 34.49
CA LEU A 427 2.92 -22.52 33.61
C LEU A 427 2.56 -21.25 34.40
N LYS A 428 1.86 -21.41 35.54
CA LYS A 428 1.49 -20.31 36.43
C LYS A 428 2.75 -19.58 36.90
N GLU A 429 3.76 -20.36 37.40
CA GLU A 429 5.06 -19.87 37.88
C GLU A 429 5.82 -19.14 36.78
N ALA A 430 5.82 -19.70 35.54
CA ALA A 430 6.51 -19.17 34.36
C ALA A 430 5.96 -17.80 33.96
N ILE A 431 4.62 -17.68 33.88
CA ILE A 431 3.90 -16.45 33.53
C ILE A 431 4.12 -15.42 34.66
N GLU A 432 4.12 -15.87 35.93
CA GLU A 432 4.37 -15.02 37.11
C GLU A 432 5.70 -14.28 36.97
N ILE A 433 6.77 -15.00 36.55
CA ILE A 433 8.12 -14.45 36.33
C ILE A 433 8.11 -13.45 35.14
N ASN A 434 7.52 -13.87 34.00
CA ASN A 434 7.43 -13.07 32.78
C ASN A 434 6.75 -11.71 33.00
N ASN A 435 5.64 -11.71 33.77
CA ASN A 435 4.84 -10.53 34.07
C ASN A 435 5.36 -9.71 35.27
N SER A 436 6.30 -10.27 36.06
CA SER A 436 6.87 -9.64 37.25
C SER A 436 7.66 -8.36 36.98
N VAL A 437 8.33 -8.28 35.81
CA VAL A 437 9.15 -7.13 35.45
C VAL A 437 8.33 -5.86 35.12
N PRO A 438 8.89 -4.63 35.30
CA PRO A 438 8.11 -3.42 34.95
C PRO A 438 7.85 -3.28 33.45
N GLN A 439 8.79 -3.73 32.60
CA GLN A 439 8.70 -3.68 31.13
C GLN A 439 7.74 -4.75 30.59
N GLY A 440 7.06 -4.43 29.48
CA GLY A 440 6.12 -5.33 28.83
C GLY A 440 6.12 -5.21 27.32
N LEU A 441 7.30 -5.39 26.70
CA LEU A 441 7.43 -5.28 25.25
C LEU A 441 7.12 -6.60 24.54
N SER A 442 8.08 -7.56 24.56
CA SER A 442 7.98 -8.85 23.90
C SER A 442 8.14 -10.03 24.87
N SER A 443 7.57 -11.19 24.49
CA SER A 443 7.59 -12.45 25.25
C SER A 443 7.37 -13.64 24.32
N SER A 444 7.96 -14.80 24.67
CA SER A 444 7.83 -16.02 23.86
C SER A 444 7.72 -17.28 24.68
N ILE A 445 7.02 -18.28 24.12
CA ILE A 445 6.88 -19.63 24.66
C ILE A 445 7.24 -20.62 23.58
N PHE A 446 8.03 -21.61 23.96
CA PHE A 446 8.39 -22.70 23.07
C PHE A 446 7.72 -23.91 23.64
N THR A 447 6.65 -24.34 22.96
CA THR A 447 5.81 -25.47 23.34
C THR A 447 5.11 -26.06 22.11
N LYS A 448 4.60 -27.29 22.25
CA LYS A 448 3.86 -27.98 21.20
C LYS A 448 2.38 -28.14 21.59
N ARG A 449 2.07 -28.01 22.91
CA ARG A 449 0.74 -28.13 23.51
C ARG A 449 -0.19 -26.99 23.07
N PRO A 450 -1.42 -27.30 22.56
CA PRO A 450 -2.34 -26.22 22.16
C PRO A 450 -2.97 -25.47 23.34
N ASP A 451 -3.10 -26.15 24.51
CA ASP A 451 -3.68 -25.58 25.73
C ASP A 451 -2.86 -24.41 26.28
N ILE A 452 -1.52 -24.58 26.35
CA ILE A 452 -0.55 -23.59 26.81
C ILE A 452 -0.66 -22.31 25.98
N ILE A 453 -0.79 -22.45 24.65
CA ILE A 453 -0.94 -21.35 23.68
C ILE A 453 -2.22 -20.53 23.96
N PHE A 454 -3.35 -21.22 24.24
CA PHE A 454 -4.63 -20.57 24.56
C PHE A 454 -4.58 -19.85 25.91
N LYS A 455 -3.80 -20.38 26.87
CA LYS A 455 -3.61 -19.79 28.20
C LYS A 455 -2.71 -18.55 28.06
N TRP A 456 -1.58 -18.70 27.33
CA TRP A 456 -0.55 -17.70 27.05
C TRP A 456 -1.10 -16.47 26.34
N LEU A 457 -2.04 -16.67 25.39
CA LEU A 457 -2.68 -15.62 24.60
C LEU A 457 -3.98 -15.09 25.24
N GLY A 458 -4.38 -15.72 26.34
CA GLY A 458 -5.61 -15.38 27.08
C GLY A 458 -5.45 -14.28 28.12
N PRO A 459 -6.55 -13.97 28.85
CA PRO A 459 -6.48 -12.89 29.88
C PRO A 459 -5.49 -13.12 31.01
N HIS A 460 -5.22 -14.40 31.32
CA HIS A 460 -4.32 -14.80 32.40
C HIS A 460 -2.90 -15.13 31.90
N GLY A 461 -2.63 -14.83 30.62
CA GLY A 461 -1.34 -15.07 29.98
C GLY A 461 -0.35 -13.93 30.10
N SER A 462 0.42 -13.67 29.02
CA SER A 462 1.43 -12.62 28.97
C SER A 462 0.80 -11.22 28.92
N ASP A 463 1.40 -10.26 29.66
CA ASP A 463 0.93 -8.88 29.71
C ASP A 463 1.73 -7.94 28.80
N CYS A 464 2.36 -8.53 27.77
CA CYS A 464 3.19 -7.79 26.80
C CYS A 464 2.42 -7.36 25.57
N GLY A 465 3.02 -6.45 24.82
CA GLY A 465 2.48 -5.95 23.57
C GLY A 465 2.69 -6.95 22.45
N ILE A 466 3.78 -7.76 22.56
CA ILE A 466 4.16 -8.80 21.59
C ILE A 466 4.18 -10.13 22.35
N VAL A 467 3.38 -11.09 21.89
CA VAL A 467 3.26 -12.41 22.51
C VAL A 467 3.46 -13.46 21.40
N ASN A 468 4.62 -14.15 21.42
CA ASN A 468 4.98 -15.10 20.38
C ASN A 468 5.00 -16.55 20.83
N VAL A 469 4.67 -17.47 19.91
CA VAL A 469 4.68 -18.91 20.15
C VAL A 469 5.63 -19.56 19.15
N ASN A 470 6.68 -20.25 19.66
CA ASN A 470 7.71 -20.95 18.89
C ASN A 470 8.53 -20.07 17.94
N ILE A 471 8.62 -18.78 18.27
CA ILE A 471 9.38 -17.76 17.53
C ILE A 471 9.99 -16.78 18.55
N PRO A 472 11.28 -16.39 18.41
CA PRO A 472 11.89 -15.47 19.41
C PRO A 472 11.27 -14.07 19.52
N THR A 473 11.67 -13.33 20.56
CA THR A 473 11.20 -11.98 20.90
C THR A 473 11.55 -10.91 19.85
N ASN A 474 12.61 -11.14 19.05
CA ASN A 474 13.11 -10.19 18.05
C ASN A 474 12.41 -10.14 16.67
N GLY A 475 11.80 -11.25 16.25
CA GLY A 475 11.12 -11.34 14.95
C GLY A 475 9.83 -10.54 14.82
N ALA A 476 9.93 -9.25 14.37
CA ALA A 476 8.79 -8.33 14.20
C ALA A 476 8.74 -7.66 12.80
N GLU A 477 7.57 -7.75 12.14
CA GLU A 477 7.35 -7.20 10.79
C GLU A 477 6.35 -6.04 10.70
N ILE A 478 6.39 -5.31 9.56
CA ILE A 478 5.55 -4.12 9.25
C ILE A 478 4.02 -4.32 9.13
N GLY A 479 3.57 -5.58 9.07
CA GLY A 479 2.16 -5.94 8.99
C GLY A 479 1.33 -5.64 10.23
N GLY A 480 1.89 -5.93 11.41
CA GLY A 480 1.22 -5.71 12.69
C GLY A 480 1.79 -4.56 13.50
N ALA A 481 0.94 -3.92 14.33
CA ALA A 481 1.29 -2.78 15.19
C ALA A 481 2.30 -3.14 16.29
N PHE A 482 3.55 -2.71 16.09
CA PHE A 482 4.66 -2.95 17.01
C PHE A 482 4.64 -1.95 18.16
N GLY A 483 4.70 -2.46 19.37
CA GLY A 483 4.69 -1.64 20.59
C GLY A 483 4.61 -2.47 21.84
N GLY A 484 4.87 -1.84 22.97
CA GLY A 484 4.86 -2.49 24.27
C GLY A 484 3.95 -1.86 25.31
N GLU A 485 3.61 -2.66 26.33
CA GLU A 485 2.76 -2.28 27.45
C GLU A 485 3.58 -1.97 28.71
N LYS A 486 2.90 -1.59 29.81
CA LYS A 486 3.50 -1.28 31.12
C LYS A 486 4.56 -0.15 31.07
N ALA A 487 5.85 -0.45 31.36
CA ALA A 487 6.95 0.52 31.34
C ALA A 487 7.55 0.78 29.93
N THR A 488 7.01 0.10 28.89
CA THR A 488 7.42 0.28 27.49
C THR A 488 6.55 1.38 26.83
N GLY A 489 5.73 2.02 27.64
CA GLY A 489 4.82 3.08 27.22
C GLY A 489 3.44 2.56 26.89
N GLY A 490 3.10 2.66 25.62
CA GLY A 490 1.80 2.22 25.09
C GLY A 490 1.66 2.52 23.61
N GLY A 491 2.60 3.29 23.08
CA GLY A 491 2.65 3.69 21.68
C GLY A 491 2.82 2.53 20.73
N ARG A 492 2.26 2.67 19.51
CA ARG A 492 2.31 1.66 18.45
C ARG A 492 2.89 2.22 17.15
N GLU A 493 3.67 1.40 16.44
CA GLU A 493 4.33 1.77 15.18
C GLU A 493 3.99 0.78 14.06
N ALA A 494 4.54 1.01 12.84
CA ALA A 494 4.36 0.21 11.63
C ALA A 494 2.88 0.07 11.13
N GLY A 495 2.39 -1.17 10.99
CA GLY A 495 1.06 -1.47 10.47
C GLY A 495 -0.12 -1.24 11.38
N SER A 496 -1.27 -1.87 11.02
CA SER A 496 -2.58 -1.81 11.68
C SER A 496 -3.28 -0.43 11.55
N ASP A 497 -3.75 0.15 12.69
CA ASP A 497 -4.44 1.45 12.74
C ASP A 497 -3.56 2.50 13.47
N SER A 498 -2.23 2.31 13.42
CA SER A 498 -1.22 3.17 14.05
C SER A 498 -1.25 4.62 13.54
N TRP A 499 -1.68 4.83 12.27
CA TRP A 499 -1.76 6.14 11.62
C TRP A 499 -2.60 7.17 12.39
N LYS A 500 -3.66 6.68 13.08
CA LYS A 500 -4.59 7.47 13.87
C LYS A 500 -3.92 8.27 14.98
N GLN A 501 -2.69 7.89 15.37
CA GLN A 501 -1.91 8.59 16.39
C GLN A 501 -1.30 9.87 15.83
N TYR A 502 -1.08 9.90 14.49
CA TYR A 502 -0.45 10.99 13.75
C TYR A 502 -1.45 11.99 13.18
N MET A 503 -2.74 11.81 13.51
CA MET A 503 -3.82 12.69 13.06
C MET A 503 -4.77 13.02 14.20
N ARG A 504 -5.67 14.01 13.99
CA ARG A 504 -6.67 14.36 14.99
C ARG A 504 -8.08 14.03 14.54
N ARG A 505 -8.81 13.32 15.42
CA ARG A 505 -10.19 12.89 15.18
C ARG A 505 -11.15 14.01 15.57
N ALA A 506 -12.09 14.32 14.68
CA ALA A 506 -13.12 15.33 14.90
C ALA A 506 -14.47 14.72 14.60
N THR A 507 -15.39 14.77 15.58
CA THR A 507 -16.77 14.27 15.41
C THR A 507 -17.62 15.45 14.95
N CYS A 508 -18.03 15.39 13.67
CA CYS A 508 -18.79 16.44 12.99
C CYS A 508 -20.24 16.10 12.77
N THR A 509 -21.12 17.10 12.92
CA THR A 509 -22.55 16.96 12.71
C THR A 509 -23.07 18.19 11.95
N ILE A 510 -23.61 17.96 10.74
CA ILE A 510 -24.15 19.01 9.88
C ILE A 510 -25.68 18.93 9.87
N ASN A 511 -26.34 20.03 10.26
CA ASN A 511 -27.79 20.13 10.26
C ASN A 511 -28.19 20.81 8.95
N TYR A 512 -28.81 20.04 8.06
CA TYR A 512 -29.23 20.57 6.76
C TYR A 512 -30.75 20.73 6.61
N GLY A 513 -31.47 20.61 7.72
CA GLY A 513 -32.91 20.75 7.78
C GLY A 513 -33.38 22.08 8.34
N SER A 514 -34.55 22.54 7.87
CA SER A 514 -35.18 23.81 8.28
C SER A 514 -35.83 23.77 9.68
N GLU A 515 -35.96 22.57 10.30
CA GLU A 515 -36.57 22.35 11.62
C GLU A 515 -35.89 23.14 12.73
N LEU A 516 -36.69 23.92 13.47
CA LEU A 516 -36.25 24.77 14.58
C LEU A 516 -36.58 24.13 15.95
N PRO A 517 -35.73 24.28 16.99
CA PRO A 517 -36.06 23.71 18.31
C PRO A 517 -37.27 24.37 18.96
N LEU A 518 -38.04 23.58 19.74
CA LEU A 518 -39.28 23.98 20.42
C LEU A 518 -39.10 25.21 21.33
N ALA A 519 -39.96 26.23 21.15
CA ALA A 519 -39.94 27.47 21.92
C ALA A 519 -40.61 27.26 23.28
N LYS B 22 4.57 0.01 -43.54
CA LYS B 22 4.25 0.38 -42.16
C LYS B 22 5.32 -0.08 -41.15
N GLU B 23 6.32 0.79 -40.91
CA GLU B 23 7.43 0.62 -39.96
C GLU B 23 7.49 1.83 -38.98
N GLU B 24 7.95 1.69 -37.72
CA GLU B 24 8.51 0.50 -37.03
C GLU B 24 7.39 -0.30 -36.32
N HIS B 25 7.59 -1.60 -35.91
CA HIS B 25 8.70 -2.59 -35.96
C HIS B 25 9.71 -2.60 -34.82
N GLN B 26 10.68 -1.67 -34.82
CA GLN B 26 11.69 -1.53 -33.78
C GLN B 26 11.03 -1.20 -32.44
N PHE B 27 9.92 -0.43 -32.49
CA PHE B 27 9.09 -0.04 -31.36
C PHE B 27 8.39 -1.27 -30.78
N LEU B 28 7.91 -2.16 -31.67
CA LEU B 28 7.22 -3.41 -31.32
C LEU B 28 8.20 -4.41 -30.72
N ALA B 29 9.44 -4.46 -31.26
CA ALA B 29 10.51 -5.34 -30.80
C ALA B 29 10.90 -5.04 -29.36
N GLU B 30 10.87 -3.75 -28.94
CA GLU B 30 11.16 -3.39 -27.55
C GLU B 30 10.02 -3.78 -26.61
N LEU B 31 8.80 -3.98 -27.15
CA LEU B 31 7.65 -4.46 -26.40
C LEU B 31 7.56 -6.01 -26.48
N GLY B 32 8.48 -6.62 -27.24
CA GLY B 32 8.57 -8.06 -27.42
C GLY B 32 7.68 -8.62 -28.51
N LEU B 33 7.26 -7.78 -29.46
CA LEU B 33 6.38 -8.18 -30.55
C LEU B 33 7.15 -8.26 -31.86
N ALA B 34 6.67 -9.11 -32.79
CA ALA B 34 7.23 -9.35 -34.12
C ALA B 34 6.12 -9.24 -35.17
N GLN B 35 6.44 -9.51 -36.47
CA GLN B 35 5.50 -9.46 -37.60
C GLN B 35 4.34 -10.44 -37.38
N ARG B 36 4.65 -11.64 -36.84
CA ARG B 36 3.69 -12.69 -36.51
C ARG B 36 3.98 -13.10 -35.07
N ASN B 37 2.93 -13.14 -34.23
CA ASN B 37 3.08 -13.43 -32.81
C ASN B 37 2.23 -14.59 -32.29
N PRO B 38 2.82 -15.48 -31.47
CA PRO B 38 2.00 -16.53 -30.82
C PRO B 38 1.10 -15.85 -29.80
N GLY B 39 -0.21 -16.09 -29.88
CA GLY B 39 -1.18 -15.45 -29.01
C GLY B 39 -1.71 -16.29 -27.87
N ALA B 40 -0.88 -17.21 -27.33
CA ALA B 40 -1.29 -18.04 -26.20
C ALA B 40 -0.16 -18.22 -25.21
N PHE B 41 -0.31 -17.63 -24.03
CA PHE B 41 0.68 -17.78 -22.98
C PHE B 41 0.17 -18.79 -21.98
N ALA B 42 0.68 -20.01 -22.11
CA ALA B 42 0.38 -21.21 -21.35
C ALA B 42 1.36 -22.22 -21.90
N CYS B 43 2.12 -22.95 -21.07
CA CYS B 43 2.17 -23.08 -19.62
C CYS B 43 3.56 -22.54 -19.32
N GLY B 44 3.66 -21.21 -19.22
CA GLY B 44 4.93 -20.50 -19.04
C GLY B 44 5.65 -20.22 -20.35
N ALA B 45 5.11 -20.73 -21.48
CA ALA B 45 5.65 -20.58 -22.83
C ALA B 45 4.59 -20.08 -23.81
N TRP B 46 5.02 -19.49 -24.94
CA TRP B 46 4.13 -18.98 -25.98
C TRP B 46 3.82 -20.02 -27.04
N GLY B 47 2.54 -20.10 -27.39
CA GLY B 47 2.03 -21.02 -28.39
C GLY B 47 0.83 -20.45 -29.12
N GLY B 48 0.08 -21.34 -29.77
CA GLY B 48 -1.11 -20.96 -30.53
C GLY B 48 -1.32 -21.82 -31.74
N SER B 49 -2.35 -22.68 -31.68
CA SER B 49 -2.74 -23.57 -32.76
C SER B 49 -4.04 -23.11 -33.44
N GLY B 50 -4.51 -21.91 -33.04
CA GLY B 50 -5.72 -21.29 -33.58
C GLY B 50 -5.47 -20.49 -34.86
N PRO B 51 -6.51 -19.78 -35.38
CA PRO B 51 -6.33 -19.01 -36.63
C PRO B 51 -5.41 -17.79 -36.52
N THR B 52 -4.87 -17.36 -37.66
CA THR B 52 -3.98 -16.19 -37.72
C THR B 52 -4.81 -14.94 -37.99
N VAL B 53 -4.88 -14.07 -36.97
CA VAL B 53 -5.62 -12.81 -37.03
C VAL B 53 -4.68 -11.62 -37.29
N THR B 54 -5.21 -10.58 -37.93
CA THR B 54 -4.49 -9.36 -38.28
C THR B 54 -4.88 -8.22 -37.33
N SER B 55 -3.86 -7.56 -36.76
CA SER B 55 -4.09 -6.42 -35.89
C SER B 55 -3.95 -5.15 -36.74
N THR B 56 -5.04 -4.38 -36.80
CA THR B 56 -5.19 -3.17 -37.60
C THR B 56 -5.14 -1.91 -36.73
N SER B 57 -4.63 -0.79 -37.28
CA SER B 57 -4.61 0.50 -36.60
C SER B 57 -5.90 1.27 -37.00
N PRO B 58 -6.70 1.79 -36.04
CA PRO B 58 -7.94 2.50 -36.41
C PRO B 58 -7.73 3.84 -37.14
N THR B 59 -6.49 4.36 -37.15
CA THR B 59 -6.12 5.63 -37.77
C THR B 59 -6.02 5.56 -39.30
N ASN B 60 -5.63 4.40 -39.85
CA ASN B 60 -5.46 4.22 -41.30
C ASN B 60 -6.00 2.89 -41.83
N ASN B 61 -6.37 1.98 -40.91
CA ASN B 61 -6.87 0.62 -41.19
C ASN B 61 -5.78 -0.24 -41.85
N GLN B 62 -4.53 -0.06 -41.39
CA GLN B 62 -3.36 -0.79 -41.86
C GLN B 62 -2.85 -1.75 -40.78
N VAL B 63 -2.24 -2.86 -41.23
CA VAL B 63 -1.72 -3.93 -40.38
C VAL B 63 -0.53 -3.47 -39.54
N ILE B 64 -0.61 -3.71 -38.21
CA ILE B 64 0.47 -3.42 -37.27
C ILE B 64 1.34 -4.68 -37.26
N ALA B 65 0.70 -5.83 -36.98
CA ALA B 65 1.29 -7.17 -36.91
C ALA B 65 0.20 -8.24 -37.01
N GLU B 66 0.61 -9.52 -36.98
CA GLU B 66 -0.28 -10.67 -37.03
C GLU B 66 -0.20 -11.42 -35.69
N VAL B 67 -1.29 -12.07 -35.30
CA VAL B 67 -1.39 -12.84 -34.06
C VAL B 67 -1.97 -14.21 -34.36
N VAL B 68 -1.25 -15.27 -33.94
CA VAL B 68 -1.72 -16.65 -34.09
C VAL B 68 -2.55 -16.93 -32.83
N GLU B 69 -3.88 -16.85 -32.97
CA GLU B 69 -4.85 -17.01 -31.89
C GLU B 69 -4.74 -18.34 -31.14
N ALA B 70 -5.40 -18.42 -29.99
CA ALA B 70 -5.44 -19.61 -29.16
C ALA B 70 -6.66 -20.44 -29.55
N SER B 71 -6.50 -21.76 -29.55
CA SER B 71 -7.56 -22.72 -29.83
C SER B 71 -8.04 -23.27 -28.48
N VAL B 72 -9.15 -24.04 -28.48
CA VAL B 72 -9.69 -24.67 -27.26
C VAL B 72 -8.64 -25.67 -26.73
N HIS B 73 -7.90 -26.33 -27.65
CA HIS B 73 -6.82 -27.25 -27.36
C HIS B 73 -5.75 -26.55 -26.52
N ASP B 74 -5.37 -25.31 -26.93
CA ASP B 74 -4.38 -24.48 -26.22
C ASP B 74 -4.90 -24.09 -24.86
N TYR B 75 -6.20 -23.70 -24.80
CA TYR B 75 -6.90 -23.32 -23.57
C TYR B 75 -6.84 -24.45 -22.54
N GLU B 76 -7.24 -25.67 -22.94
CA GLU B 76 -7.25 -26.85 -22.08
C GLU B 76 -5.88 -27.22 -21.53
N GLU B 77 -4.83 -27.14 -22.38
CA GLU B 77 -3.44 -27.44 -22.01
C GLU B 77 -2.92 -26.44 -20.96
N GLY B 78 -3.24 -25.17 -21.16
CA GLY B 78 -2.88 -24.09 -20.27
C GLY B 78 -3.66 -24.08 -18.97
N MET B 79 -4.94 -24.45 -19.06
CA MET B 79 -5.87 -24.54 -17.94
C MET B 79 -5.50 -25.68 -16.96
N ARG B 80 -4.93 -26.78 -17.48
CA ARG B 80 -4.51 -27.93 -16.66
C ARG B 80 -3.31 -27.53 -15.79
N ALA B 81 -2.40 -26.70 -16.34
CA ALA B 81 -1.21 -26.21 -15.68
C ALA B 81 -1.49 -25.03 -14.76
N CYS B 82 -2.41 -24.13 -15.17
CA CYS B 82 -2.82 -22.96 -14.39
C CYS B 82 -3.45 -23.42 -13.08
N PHE B 83 -4.30 -24.45 -13.16
CA PHE B 83 -4.98 -25.07 -12.02
C PHE B 83 -3.94 -25.74 -11.11
N ASP B 84 -2.93 -26.38 -11.71
CA ASP B 84 -1.86 -27.07 -10.99
C ASP B 84 -0.92 -26.08 -10.26
N ALA B 85 -0.62 -24.92 -10.90
CA ALA B 85 0.24 -23.85 -10.37
C ALA B 85 -0.34 -23.19 -9.13
N ALA B 86 -1.68 -23.17 -9.01
CA ALA B 86 -2.42 -22.59 -7.89
C ALA B 86 -1.94 -23.11 -6.54
N LYS B 87 -1.69 -24.43 -6.43
CA LYS B 87 -1.19 -25.09 -5.22
C LYS B 87 0.04 -24.38 -4.68
N THR B 88 1.01 -24.10 -5.57
CA THR B 88 2.26 -23.39 -5.27
C THR B 88 1.99 -21.93 -4.88
N TRP B 89 1.19 -21.20 -5.69
CA TRP B 89 0.86 -19.78 -5.51
C TRP B 89 0.11 -19.48 -4.20
N MET B 90 -0.88 -20.32 -3.86
CA MET B 90 -1.67 -20.19 -2.64
C MET B 90 -0.81 -20.29 -1.37
N ALA B 91 0.25 -21.14 -1.44
CA ALA B 91 1.22 -21.42 -0.39
C ALA B 91 2.18 -20.25 -0.13
N ILE B 92 2.34 -19.34 -1.12
CA ILE B 92 3.22 -18.17 -1.01
C ILE B 92 2.56 -17.16 -0.04
N PRO B 93 3.28 -16.64 0.98
CA PRO B 93 2.66 -15.65 1.89
C PRO B 93 2.19 -14.41 1.14
N ALA B 94 1.03 -13.85 1.52
CA ALA B 94 0.44 -12.67 0.90
C ALA B 94 1.40 -11.48 0.77
N PRO B 95 2.22 -11.07 1.80
CA PRO B 95 3.15 -9.95 1.58
C PRO B 95 4.19 -10.27 0.50
N LYS B 96 4.59 -11.55 0.38
CA LYS B 96 5.54 -12.01 -0.64
C LYS B 96 4.91 -11.99 -2.04
N ARG B 97 3.59 -12.23 -2.15
CA ARG B 97 2.83 -12.14 -3.40
C ARG B 97 2.77 -10.67 -3.81
N GLY B 98 2.56 -9.78 -2.81
CA GLY B 98 2.52 -8.33 -2.97
C GLY B 98 3.81 -7.77 -3.53
N GLU B 99 4.93 -8.43 -3.18
CA GLU B 99 6.26 -8.11 -3.66
C GLU B 99 6.40 -8.41 -5.18
N ILE B 100 5.72 -9.48 -5.66
CA ILE B 100 5.71 -9.82 -7.09
C ILE B 100 4.95 -8.73 -7.85
N VAL B 101 3.77 -8.35 -7.33
CA VAL B 101 2.93 -7.28 -7.89
C VAL B 101 3.69 -5.94 -7.91
N ARG B 102 4.49 -5.65 -6.85
CA ARG B 102 5.32 -4.44 -6.73
C ARG B 102 6.28 -4.37 -7.92
N GLN B 103 6.97 -5.49 -8.21
CA GLN B 103 7.90 -5.62 -9.32
C GLN B 103 7.18 -5.53 -10.69
N ILE B 104 5.87 -5.95 -10.77
CA ILE B 104 5.09 -5.83 -12.01
C ILE B 104 4.92 -4.34 -12.33
N GLY B 105 4.62 -3.53 -11.32
CA GLY B 105 4.46 -2.09 -11.45
C GLY B 105 5.72 -1.42 -11.97
N ASP B 106 6.89 -1.83 -11.43
CA ASP B 106 8.19 -1.31 -11.82
C ASP B 106 8.57 -1.72 -13.24
N ALA B 107 8.14 -2.93 -13.65
CA ALA B 107 8.34 -3.47 -14.99
C ALA B 107 7.56 -2.63 -16.00
N LEU B 108 6.33 -2.23 -15.60
CA LEU B 108 5.43 -1.39 -16.40
C LEU B 108 5.99 0.02 -16.50
N ARG B 109 6.59 0.55 -15.40
CA ARG B 109 7.21 1.88 -15.35
C ARG B 109 8.32 2.00 -16.42
N ALA B 110 9.14 0.93 -16.57
CA ALA B 110 10.23 0.85 -17.53
C ALA B 110 9.76 0.86 -18.99
N LYS B 111 8.49 0.47 -19.24
CA LYS B 111 7.90 0.41 -20.57
C LYS B 111 6.63 1.30 -20.70
N LEU B 112 6.42 2.25 -19.74
CA LEU B 112 5.25 3.15 -19.70
C LEU B 112 4.96 3.87 -21.01
N HIS B 113 6.00 4.51 -21.54
CA HIS B 113 6.04 5.28 -22.78
CA HIS B 113 5.90 5.27 -22.78
C HIS B 113 5.68 4.42 -24.01
N HIS B 114 6.19 3.17 -24.03
CA HIS B 114 5.97 2.25 -25.15
C HIS B 114 4.57 1.66 -25.13
N LEU B 115 4.09 1.22 -23.95
CA LEU B 115 2.75 0.63 -23.79
C LEU B 115 1.67 1.63 -24.12
N GLY B 116 1.88 2.90 -23.76
CA GLY B 116 0.95 3.99 -24.04
C GLY B 116 0.75 4.16 -25.53
N ARG B 117 1.86 4.13 -26.29
CA ARG B 117 1.89 4.23 -27.75
C ARG B 117 1.17 3.04 -28.37
N LEU B 118 1.37 1.83 -27.83
CA LEU B 118 0.72 0.62 -28.34
C LEU B 118 -0.80 0.66 -28.13
N VAL B 119 -1.24 1.22 -26.99
CA VAL B 119 -2.66 1.35 -26.67
C VAL B 119 -3.31 2.35 -27.65
N SER B 120 -2.62 3.47 -27.93
CA SER B 120 -3.07 4.48 -28.89
C SER B 120 -3.10 3.91 -30.30
N LEU B 121 -2.00 3.28 -30.73
CA LEU B 121 -1.84 2.68 -32.06
C LEU B 121 -2.86 1.59 -32.38
N GLU B 122 -3.10 0.63 -31.46
CA GLU B 122 -4.01 -0.49 -31.65
C GLU B 122 -5.48 -0.18 -31.34
N MET B 123 -5.77 0.52 -30.23
CA MET B 123 -7.14 0.83 -29.80
C MET B 123 -7.70 2.12 -30.44
N GLY B 124 -6.87 3.18 -30.51
CA GLY B 124 -7.26 4.46 -31.09
C GLY B 124 -7.41 5.63 -30.13
N LYS B 125 -7.16 5.41 -28.82
CA LYS B 125 -7.29 6.51 -27.86
C LYS B 125 -6.08 7.44 -27.90
N ILE B 126 -6.31 8.76 -27.71
CA ILE B 126 -5.27 9.80 -27.76
C ILE B 126 -4.14 9.54 -26.78
N LEU B 127 -2.86 9.60 -27.21
CA LEU B 127 -1.63 9.38 -26.40
C LEU B 127 -1.68 9.70 -24.89
N PRO B 128 -2.11 10.91 -24.40
CA PRO B 128 -2.25 11.13 -22.95
C PRO B 128 -3.03 10.00 -22.27
N GLU B 129 -4.18 9.57 -22.86
CA GLU B 129 -5.00 8.43 -22.43
C GLU B 129 -4.25 7.23 -23.03
N GLY B 130 -3.93 6.23 -22.25
CA GLY B 130 -3.12 5.13 -22.75
C GLY B 130 -1.87 5.12 -21.91
N ILE B 131 -1.17 6.30 -21.82
CA ILE B 131 -0.05 6.48 -20.91
C ILE B 131 -0.73 6.45 -19.52
N GLY B 132 -1.80 7.22 -19.39
CA GLY B 132 -2.61 7.34 -18.20
C GLY B 132 -3.27 6.04 -17.81
N GLU B 133 -3.60 5.20 -18.82
CA GLU B 133 -4.22 3.88 -18.64
C GLU B 133 -3.20 2.94 -18.00
N VAL B 134 -1.95 2.96 -18.51
CA VAL B 134 -0.85 2.15 -17.98
C VAL B 134 -0.50 2.69 -16.59
N GLN B 135 -0.54 4.04 -16.43
CA GLN B 135 -0.32 4.72 -15.16
C GLN B 135 -1.34 4.28 -14.11
N GLU B 136 -2.59 4.01 -14.53
CA GLU B 136 -3.64 3.53 -13.65
C GLU B 136 -3.29 2.13 -13.12
N ILE B 137 -2.71 1.26 -13.98
CA ILE B 137 -2.27 -0.10 -13.61
C ILE B 137 -1.09 0.02 -12.65
N ILE B 138 -0.18 0.99 -12.91
CA ILE B 138 1.01 1.25 -12.10
C ILE B 138 0.62 1.67 -10.68
N ASP B 139 -0.36 2.57 -10.56
CA ASP B 139 -0.89 3.06 -9.29
C ASP B 139 -1.60 1.96 -8.51
N MET B 140 -2.17 0.99 -9.24
CA MET B 140 -2.88 -0.15 -8.66
C MET B 140 -1.90 -1.16 -8.05
N CYS B 141 -0.74 -1.35 -8.69
CA CYS B 141 0.31 -2.24 -8.18
C CYS B 141 0.80 -1.71 -6.84
N ASP B 142 1.08 -0.38 -6.76
CA ASP B 142 1.52 0.33 -5.56
C ASP B 142 0.53 0.16 -4.39
N TYR B 143 -0.79 0.14 -4.69
CA TYR B 143 -1.84 -0.05 -3.69
C TYR B 143 -1.88 -1.51 -3.22
N ALA B 144 -1.79 -2.46 -4.17
CA ALA B 144 -1.80 -3.91 -3.97
C ALA B 144 -0.70 -4.43 -3.04
N VAL B 145 0.45 -3.73 -2.99
CA VAL B 145 1.56 -4.07 -2.10
C VAL B 145 1.10 -3.91 -0.64
N GLY B 146 0.53 -2.73 -0.32
CA GLY B 146 0.01 -2.41 1.01
C GLY B 146 -1.16 -3.29 1.40
N LEU B 147 -2.03 -3.56 0.43
CA LEU B 147 -3.22 -4.41 0.56
C LEU B 147 -2.87 -5.85 0.95
N SER B 148 -1.71 -6.36 0.48
CA SER B 148 -1.22 -7.71 0.75
C SER B 148 -0.98 -7.94 2.24
N ARG B 149 -0.66 -6.85 2.95
CA ARG B 149 -0.40 -6.83 4.39
C ARG B 149 -1.72 -6.70 5.17
N GLN B 150 -2.85 -6.44 4.48
CA GLN B 150 -4.18 -6.21 5.09
C GLN B 150 -5.32 -7.16 4.69
N LEU B 151 -5.03 -8.34 4.13
CA LEU B 151 -6.08 -9.30 3.78
C LEU B 151 -6.51 -10.03 5.05
N ASN B 152 -6.88 -9.20 6.06
CA ASN B 152 -7.21 -9.60 7.42
C ASN B 152 -8.49 -10.37 7.62
N GLY B 153 -8.42 -11.31 8.56
CA GLY B 153 -9.52 -12.10 9.07
C GLY B 153 -9.94 -11.50 10.40
N SER B 154 -10.93 -12.09 11.08
CA SER B 154 -11.41 -11.50 12.34
C SER B 154 -11.49 -12.53 13.44
N ILE B 155 -11.21 -12.12 14.71
CA ILE B 155 -11.36 -13.02 15.86
C ILE B 155 -12.58 -12.51 16.61
N ILE B 156 -13.73 -13.16 16.35
CA ILE B 156 -15.04 -12.81 16.91
C ILE B 156 -15.19 -13.39 18.34
N PRO B 157 -15.69 -12.61 19.33
CA PRO B 157 -15.95 -13.19 20.65
C PRO B 157 -17.08 -14.24 20.57
N SER B 158 -16.85 -15.44 21.12
CA SER B 158 -17.86 -16.51 21.13
C SER B 158 -18.72 -16.38 22.38
N GLU B 159 -19.99 -16.85 22.30
CA GLU B 159 -20.91 -16.82 23.45
C GLU B 159 -20.73 -18.04 24.36
N ARG B 160 -19.86 -18.99 23.96
CA ARG B 160 -19.57 -20.21 24.71
C ARG B 160 -18.14 -20.18 25.29
N PRO B 161 -17.92 -20.58 26.57
CA PRO B 161 -16.54 -20.55 27.11
C PRO B 161 -15.64 -21.59 26.44
N ASN B 162 -14.34 -21.24 26.30
CA ASN B 162 -13.29 -22.05 25.67
C ASN B 162 -13.64 -22.41 24.22
N HIS B 163 -14.05 -21.37 23.47
CA HIS B 163 -14.42 -21.43 22.05
C HIS B 163 -13.79 -20.23 21.35
N MET B 164 -13.02 -20.48 20.28
CA MET B 164 -12.41 -19.44 19.47
C MET B 164 -13.16 -19.32 18.15
N MET B 165 -13.84 -18.18 17.96
CA MET B 165 -14.59 -17.92 16.74
C MET B 165 -13.82 -16.95 15.84
N MET B 166 -13.66 -17.32 14.56
CA MET B 166 -12.94 -16.52 13.60
C MET B 166 -13.47 -16.54 12.17
N GLU B 167 -13.24 -15.43 11.45
CA GLU B 167 -13.58 -15.24 10.05
C GLU B 167 -12.27 -15.46 9.29
N VAL B 168 -12.23 -16.47 8.41
CA VAL B 168 -11.02 -16.86 7.68
C VAL B 168 -11.16 -16.69 6.16
N TRP B 169 -10.18 -15.97 5.55
CA TRP B 169 -10.11 -15.72 4.11
C TRP B 169 -9.12 -16.65 3.45
N ASN B 170 -9.48 -17.18 2.28
CA ASN B 170 -8.64 -18.11 1.54
C ASN B 170 -8.78 -17.86 0.04
N PRO B 171 -7.71 -18.08 -0.76
CA PRO B 171 -7.82 -17.89 -2.21
C PRO B 171 -8.89 -18.78 -2.84
N LEU B 172 -9.50 -18.28 -3.93
CA LEU B 172 -10.54 -19.00 -4.67
C LEU B 172 -9.88 -20.06 -5.56
N GLY B 173 -8.71 -19.73 -6.10
CA GLY B 173 -7.92 -20.63 -6.93
C GLY B 173 -7.51 -19.99 -8.23
N VAL B 174 -8.44 -19.93 -9.17
CA VAL B 174 -8.24 -19.39 -10.51
C VAL B 174 -9.31 -18.34 -10.79
N VAL B 175 -8.87 -17.15 -11.19
CA VAL B 175 -9.74 -16.05 -11.55
C VAL B 175 -9.67 -15.84 -13.08
N GLY B 176 -10.84 -15.93 -13.71
CA GLY B 176 -11.01 -15.74 -15.15
C GLY B 176 -11.31 -14.28 -15.42
N VAL B 177 -10.54 -13.66 -16.33
CA VAL B 177 -10.73 -12.24 -16.68
C VAL B 177 -10.99 -12.08 -18.17
N ILE B 178 -12.23 -11.73 -18.52
CA ILE B 178 -12.66 -11.47 -19.91
C ILE B 178 -12.78 -9.95 -20.06
N THR B 179 -11.90 -9.34 -20.86
CA THR B 179 -11.87 -7.88 -21.01
C THR B 179 -12.38 -7.37 -22.36
N ALA B 180 -12.76 -6.07 -22.39
CA ALA B 180 -13.26 -5.33 -23.55
C ALA B 180 -12.12 -4.58 -24.24
N PHE B 181 -12.40 -4.02 -25.43
CA PHE B 181 -11.44 -3.29 -26.24
C PHE B 181 -11.00 -1.95 -25.66
N ASN B 182 -11.92 -1.18 -25.03
CA ASN B 182 -11.69 0.18 -24.54
C ASN B 182 -10.60 0.38 -23.49
N PHE B 183 -10.53 -0.52 -22.49
CA PHE B 183 -9.46 -0.51 -21.50
C PHE B 183 -8.78 -1.87 -21.63
N PRO B 184 -7.91 -1.99 -22.67
CA PRO B 184 -7.29 -3.28 -22.97
C PRO B 184 -6.26 -3.81 -21.97
N CYS B 185 -6.01 -3.07 -20.89
CA CYS B 185 -5.04 -3.48 -19.87
C CYS B 185 -5.38 -2.95 -18.48
N ALA B 186 -6.14 -1.83 -18.40
CA ALA B 186 -6.56 -1.23 -17.13
C ALA B 186 -7.51 -2.15 -16.38
N VAL B 187 -8.47 -2.76 -17.10
CA VAL B 187 -9.44 -3.69 -16.52
C VAL B 187 -8.71 -4.91 -15.98
N LEU B 188 -7.75 -5.47 -16.76
CA LEU B 188 -6.95 -6.59 -16.30
C LEU B 188 -6.13 -6.17 -15.07
N GLY B 189 -5.48 -5.01 -15.16
CA GLY B 189 -4.67 -4.43 -14.09
C GLY B 189 -5.37 -4.42 -12.75
N TRP B 190 -6.56 -3.81 -12.68
CA TRP B 190 -7.33 -3.76 -11.43
C TRP B 190 -7.72 -5.15 -10.94
N ASN B 191 -8.08 -6.06 -11.86
CA ASN B 191 -8.46 -7.44 -11.52
C ASN B 191 -7.27 -8.30 -11.12
N ALA B 192 -6.23 -8.40 -11.97
CA ALA B 192 -5.02 -9.20 -11.72
C ALA B 192 -4.25 -8.78 -10.47
N CYS B 193 -4.07 -7.46 -10.23
CA CYS B 193 -3.36 -6.99 -9.03
C CYS B 193 -4.02 -7.54 -7.76
N ILE B 194 -5.35 -7.40 -7.66
CA ILE B 194 -6.14 -7.90 -6.54
C ILE B 194 -6.15 -9.44 -6.50
N ALA B 195 -6.43 -10.09 -7.65
CA ALA B 195 -6.48 -11.55 -7.75
C ALA B 195 -5.16 -12.20 -7.34
N LEU B 196 -4.02 -11.70 -7.86
CA LEU B 196 -2.69 -12.24 -7.57
C LEU B 196 -2.30 -12.08 -6.13
N VAL B 197 -2.53 -10.88 -5.56
CA VAL B 197 -2.24 -10.55 -4.16
C VAL B 197 -3.09 -11.41 -3.22
N CYS B 198 -4.33 -11.77 -3.64
CA CYS B 198 -5.28 -12.63 -2.93
C CYS B 198 -5.01 -14.14 -3.11
N GLY B 199 -3.89 -14.48 -3.73
CA GLY B 199 -3.46 -15.87 -3.91
C GLY B 199 -4.07 -16.65 -5.05
N ASN B 200 -4.64 -15.94 -6.02
CA ASN B 200 -5.27 -16.59 -7.16
C ASN B 200 -4.42 -16.50 -8.40
N CYS B 201 -4.57 -17.48 -9.27
CA CYS B 201 -3.96 -17.52 -10.58
C CYS B 201 -4.91 -16.77 -11.50
N VAL B 202 -4.38 -16.19 -12.58
CA VAL B 202 -5.19 -15.41 -13.49
C VAL B 202 -5.17 -15.99 -14.89
N VAL B 203 -6.36 -16.27 -15.43
CA VAL B 203 -6.56 -16.70 -16.82
C VAL B 203 -7.24 -15.52 -17.54
N TRP B 204 -6.48 -14.85 -18.41
CA TRP B 204 -6.92 -13.66 -19.14
C TRP B 204 -7.27 -13.93 -20.60
N LYS B 205 -8.42 -13.41 -21.02
CA LYS B 205 -8.83 -13.46 -22.40
C LYS B 205 -9.17 -12.03 -22.78
N GLY B 206 -8.24 -11.39 -23.50
CA GLY B 206 -8.36 -10.01 -23.95
C GLY B 206 -9.30 -9.86 -25.13
N ALA B 207 -9.56 -8.61 -25.55
CA ALA B 207 -10.45 -8.29 -26.68
C ALA B 207 -9.88 -8.88 -27.96
N PRO B 208 -10.75 -9.32 -28.92
CA PRO B 208 -10.23 -9.91 -30.15
C PRO B 208 -9.52 -8.90 -31.07
N THR B 209 -9.87 -7.60 -30.92
CA THR B 209 -9.35 -6.47 -31.71
C THR B 209 -8.11 -5.86 -31.05
N THR B 210 -7.79 -6.30 -29.84
CA THR B 210 -6.69 -5.79 -29.03
C THR B 210 -5.61 -6.90 -28.71
N PRO B 211 -5.26 -7.84 -29.62
CA PRO B 211 -4.32 -8.90 -29.24
C PRO B 211 -2.90 -8.49 -28.87
N LEU B 212 -2.35 -7.46 -29.53
CA LEU B 212 -0.97 -6.99 -29.30
C LEU B 212 -0.74 -6.39 -27.92
N ILE B 213 -1.75 -5.65 -27.40
CA ILE B 213 -1.70 -5.07 -26.06
C ILE B 213 -1.71 -6.23 -25.05
N THR B 214 -2.54 -7.28 -25.31
CA THR B 214 -2.65 -8.48 -24.48
C THR B 214 -1.32 -9.21 -24.37
N ILE B 215 -0.60 -9.39 -25.50
CA ILE B 215 0.70 -10.05 -25.54
C ILE B 215 1.76 -9.25 -24.77
N ALA B 216 1.92 -7.95 -25.10
CA ALA B 216 2.88 -7.02 -24.49
C ALA B 216 2.69 -6.89 -22.96
N MET B 217 1.44 -6.89 -22.50
CA MET B 217 1.08 -6.84 -21.09
C MET B 217 1.50 -8.16 -20.40
N THR B 218 1.22 -9.30 -21.05
CA THR B 218 1.56 -10.65 -20.56
C THR B 218 3.09 -10.84 -20.48
N LYS B 219 3.84 -10.31 -21.46
CA LYS B 219 5.30 -10.42 -21.50
C LYS B 219 5.96 -9.70 -20.31
N ILE B 220 5.34 -8.62 -19.83
CA ILE B 220 5.82 -7.85 -18.67
C ILE B 220 5.61 -8.69 -17.40
N VAL B 221 4.42 -9.31 -17.27
CA VAL B 221 4.07 -10.14 -16.12
C VAL B 221 4.97 -11.38 -16.10
N ALA B 222 5.08 -12.05 -17.25
CA ALA B 222 5.90 -13.25 -17.45
C ALA B 222 7.35 -13.01 -17.07
N SER B 223 7.87 -11.80 -17.37
CA SER B 223 9.24 -11.36 -17.05
C SER B 223 9.50 -11.42 -15.55
N VAL B 224 8.59 -10.83 -14.74
CA VAL B 224 8.64 -10.80 -13.28
C VAL B 224 8.54 -12.22 -12.72
N LEU B 225 7.54 -13.02 -13.16
CA LEU B 225 7.34 -14.40 -12.70
C LEU B 225 8.56 -15.31 -12.93
N GLU B 226 9.23 -15.15 -14.09
CA GLU B 226 10.43 -15.90 -14.44
C GLU B 226 11.63 -15.49 -13.59
N LYS B 227 11.80 -14.16 -13.38
CA LYS B 227 12.86 -13.55 -12.57
C LYS B 227 12.84 -14.02 -11.11
N ASN B 228 11.67 -14.52 -10.64
CA ASN B 228 11.47 -14.99 -9.27
C ASN B 228 11.27 -16.51 -9.16
N ASN B 229 11.61 -17.25 -10.25
CA ASN B 229 11.50 -18.72 -10.33
C ASN B 229 10.12 -19.27 -9.98
N LEU B 230 9.08 -18.58 -10.50
CA LEU B 230 7.67 -18.94 -10.29
C LEU B 230 7.12 -19.47 -11.61
N PRO B 231 6.19 -20.45 -11.58
CA PRO B 231 5.61 -20.95 -12.85
C PRO B 231 4.84 -19.86 -13.60
N GLY B 232 5.08 -19.77 -14.90
CA GLY B 232 4.41 -18.80 -15.77
C GLY B 232 2.90 -18.98 -15.82
N ALA B 233 2.41 -20.22 -15.54
CA ALA B 233 1.00 -20.62 -15.48
C ALA B 233 0.16 -19.79 -14.47
N ILE B 234 0.83 -19.06 -13.53
CA ILE B 234 0.20 -18.17 -12.55
C ILE B 234 -0.56 -17.07 -13.32
N PHE B 235 0.00 -16.65 -14.47
CA PHE B 235 -0.60 -15.66 -15.35
C PHE B 235 -0.77 -16.24 -16.75
N THR B 236 -1.86 -16.95 -16.97
CA THR B 236 -2.19 -17.55 -18.26
C THR B 236 -2.98 -16.49 -19.06
N SER B 237 -2.71 -16.35 -20.36
CA SER B 237 -3.43 -15.42 -21.22
C SER B 237 -3.68 -15.98 -22.63
N PHE B 238 -4.81 -15.61 -23.25
CA PHE B 238 -5.20 -16.08 -24.59
C PHE B 238 -5.75 -14.97 -25.48
N CYS B 239 -5.46 -15.09 -26.77
CA CYS B 239 -5.97 -14.19 -27.80
C CYS B 239 -6.97 -14.99 -28.62
N GLY B 240 -8.18 -14.49 -28.76
CA GLY B 240 -9.24 -15.15 -29.50
C GLY B 240 -10.60 -14.50 -29.39
N GLY B 241 -11.60 -15.12 -30.02
CA GLY B 241 -12.98 -14.65 -30.02
C GLY B 241 -13.80 -15.18 -28.86
N THR B 242 -15.12 -15.25 -29.04
CA THR B 242 -16.10 -15.72 -28.06
C THR B 242 -15.85 -17.19 -27.61
N GLU B 243 -15.18 -18.00 -28.45
CA GLU B 243 -14.84 -19.42 -28.21
C GLU B 243 -14.14 -19.63 -26.86
N ILE B 244 -13.00 -18.94 -26.63
CA ILE B 244 -12.21 -19.03 -25.39
C ILE B 244 -12.98 -18.41 -24.21
N GLY B 245 -13.77 -17.37 -24.49
CA GLY B 245 -14.59 -16.69 -23.50
C GLY B 245 -15.67 -17.60 -22.92
N GLN B 246 -16.35 -18.36 -23.81
CA GLN B 246 -17.39 -19.34 -23.49
C GLN B 246 -16.79 -20.47 -22.65
N ALA B 247 -15.58 -20.93 -23.05
CA ALA B 247 -14.79 -21.96 -22.38
C ALA B 247 -14.53 -21.58 -20.91
N ILE B 248 -14.16 -20.30 -20.65
CA ILE B 248 -13.93 -19.76 -19.30
C ILE B 248 -15.23 -19.81 -18.49
N ALA B 249 -16.33 -19.27 -19.04
CA ALA B 249 -17.66 -19.23 -18.42
C ALA B 249 -18.21 -20.61 -18.04
N LEU B 250 -17.88 -21.65 -18.83
CA LEU B 250 -18.33 -23.04 -18.59
C LEU B 250 -17.36 -23.88 -17.75
N ASP B 251 -16.11 -23.38 -17.54
CA ASP B 251 -15.06 -24.09 -16.80
C ASP B 251 -15.31 -24.17 -15.31
N ILE B 252 -15.52 -25.40 -14.81
CA ILE B 252 -15.75 -25.70 -13.41
C ILE B 252 -14.51 -25.43 -12.52
N ARG B 253 -13.32 -25.34 -13.14
CA ARG B 253 -12.04 -25.07 -12.47
C ARG B 253 -11.84 -23.59 -12.14
N ILE B 254 -12.74 -22.71 -12.64
CA ILE B 254 -12.67 -21.26 -12.44
C ILE B 254 -13.82 -20.76 -11.53
N PRO B 255 -13.58 -20.66 -10.20
CA PRO B 255 -14.64 -20.20 -9.29
C PRO B 255 -15.16 -18.78 -9.51
N LEU B 256 -14.30 -17.87 -10.02
CA LEU B 256 -14.67 -16.47 -10.27
C LEU B 256 -14.31 -16.00 -11.67
N VAL B 257 -15.32 -15.49 -12.40
CA VAL B 257 -15.17 -14.96 -13.76
C VAL B 257 -15.44 -13.46 -13.74
N SER B 258 -14.42 -12.65 -13.99
CA SER B 258 -14.58 -11.19 -14.03
C SER B 258 -14.83 -10.79 -15.47
N PHE B 259 -16.08 -10.40 -15.77
CA PHE B 259 -16.47 -9.99 -17.11
C PHE B 259 -16.60 -8.48 -17.26
N THR B 260 -16.11 -7.96 -18.40
CA THR B 260 -16.14 -6.55 -18.78
C THR B 260 -16.51 -6.49 -20.26
N GLY B 261 -17.72 -6.02 -20.52
CA GLY B 261 -18.29 -5.89 -21.86
C GLY B 261 -19.76 -5.47 -21.83
N SER B 262 -20.48 -5.70 -22.93
CA SER B 262 -21.90 -5.38 -23.11
C SER B 262 -22.83 -6.09 -22.10
N THR B 263 -24.06 -5.55 -21.92
CA THR B 263 -25.07 -6.13 -21.03
C THR B 263 -25.58 -7.43 -21.66
N ARG B 264 -25.62 -7.46 -23.02
CA ARG B 264 -26.04 -8.61 -23.83
C ARG B 264 -25.16 -9.83 -23.49
N ALA B 265 -23.82 -9.68 -23.63
CA ALA B 265 -22.82 -10.71 -23.37
C ALA B 265 -22.66 -10.99 -21.87
N GLY B 266 -22.83 -9.95 -21.06
CA GLY B 266 -22.73 -10.01 -19.60
C GLY B 266 -23.71 -10.99 -18.98
N LEU B 267 -24.99 -10.91 -19.39
CA LEU B 267 -26.07 -11.79 -18.95
C LEU B 267 -25.81 -13.24 -19.38
N MET B 268 -25.29 -13.42 -20.61
CA MET B 268 -24.93 -14.70 -21.20
C MET B 268 -23.87 -15.40 -20.35
N VAL B 269 -22.79 -14.66 -19.99
CA VAL B 269 -21.67 -15.13 -19.16
C VAL B 269 -22.22 -15.44 -17.76
N GLN B 270 -22.99 -14.50 -17.16
CA GLN B 270 -23.60 -14.65 -15.83
C GLN B 270 -24.43 -15.93 -15.73
N GLN B 271 -25.33 -16.17 -16.70
CA GLN B 271 -26.20 -17.33 -16.81
C GLN B 271 -25.41 -18.65 -16.75
N GLN B 272 -24.34 -18.75 -17.56
CA GLN B 272 -23.48 -19.94 -17.65
C GLN B 272 -22.70 -20.18 -16.36
N VAL B 273 -22.20 -19.11 -15.73
CA VAL B 273 -21.44 -19.13 -14.48
C VAL B 273 -22.34 -19.48 -13.28
N SER B 274 -23.55 -18.87 -13.20
CA SER B 274 -24.52 -19.12 -12.12
C SER B 274 -24.99 -20.57 -12.10
N ALA B 275 -25.16 -21.18 -13.30
CA ALA B 275 -25.59 -22.56 -13.50
C ALA B 275 -24.63 -23.56 -12.83
N ARG B 276 -23.32 -23.30 -12.93
CA ARG B 276 -22.27 -24.15 -12.37
C ARG B 276 -21.87 -23.75 -10.93
N PHE B 277 -22.73 -22.96 -10.25
CA PHE B 277 -22.57 -22.49 -8.88
C PHE B 277 -21.30 -21.68 -8.64
N GLY B 278 -20.87 -20.98 -9.68
CA GLY B 278 -19.72 -20.11 -9.64
C GLY B 278 -20.16 -18.68 -9.43
N LYS B 279 -19.19 -17.81 -9.14
CA LYS B 279 -19.45 -16.39 -8.94
C LYS B 279 -18.83 -15.59 -10.08
N CYS B 280 -19.44 -14.46 -10.43
CA CYS B 280 -18.92 -13.60 -11.48
C CYS B 280 -19.02 -12.12 -11.15
N LEU B 281 -17.97 -11.37 -11.47
CA LEU B 281 -17.88 -9.94 -11.23
C LEU B 281 -18.26 -9.25 -12.54
N LEU B 282 -19.42 -8.56 -12.54
CA LEU B 282 -19.94 -7.92 -13.74
C LEU B 282 -19.76 -6.42 -13.77
N GLU B 283 -19.08 -5.96 -14.82
CA GLU B 283 -18.81 -4.55 -15.10
C GLU B 283 -19.31 -4.30 -16.52
N LEU B 284 -20.62 -4.02 -16.61
CA LEU B 284 -21.37 -3.89 -17.84
C LEU B 284 -21.54 -2.48 -18.42
N SER B 285 -22.47 -2.31 -19.40
CA SER B 285 -22.74 -1.06 -20.11
C SER B 285 -23.22 0.07 -19.21
N GLY B 286 -22.95 1.31 -19.64
CA GLY B 286 -23.35 2.53 -18.96
C GLY B 286 -23.94 3.58 -19.90
N ASN B 287 -25.09 4.17 -19.50
CA ASN B 287 -25.81 5.22 -20.24
C ASN B 287 -25.81 6.49 -19.35
N ASN B 288 -24.61 6.88 -18.91
CA ASN B 288 -24.31 7.96 -17.96
C ASN B 288 -24.83 9.33 -18.35
N ALA B 289 -25.41 10.03 -17.35
CA ALA B 289 -26.01 11.34 -17.50
C ALA B 289 -25.39 12.42 -16.63
N ILE B 290 -25.37 13.66 -17.16
CA ILE B 290 -24.91 14.85 -16.44
C ILE B 290 -26.10 15.82 -16.34
N ILE B 291 -26.46 16.20 -15.10
CA ILE B 291 -27.55 17.13 -14.81
C ILE B 291 -26.97 18.50 -14.54
N VAL B 292 -27.39 19.50 -15.33
CA VAL B 292 -26.91 20.85 -15.14
C VAL B 292 -28.03 21.72 -14.56
N MET B 293 -27.84 22.18 -13.31
CA MET B 293 -28.79 23.03 -12.61
C MET B 293 -28.56 24.47 -13.03
N ASP B 294 -29.57 25.34 -12.89
CA ASP B 294 -29.49 26.75 -13.25
C ASP B 294 -28.44 27.56 -12.50
N ASP B 295 -28.14 27.17 -11.26
CA ASP B 295 -27.17 27.82 -10.37
C ASP B 295 -25.72 27.28 -10.52
N ALA B 296 -25.48 26.42 -11.52
CA ALA B 296 -24.17 25.81 -11.77
C ALA B 296 -23.13 26.78 -12.33
N ASP B 297 -21.85 26.41 -12.19
CA ASP B 297 -20.67 27.10 -12.74
C ASP B 297 -20.64 26.65 -14.22
N ILE B 298 -21.26 27.46 -15.09
CA ILE B 298 -21.41 27.17 -16.53
C ILE B 298 -20.07 26.90 -17.23
N GLN B 299 -18.99 27.59 -16.81
CA GLN B 299 -17.65 27.37 -17.35
C GLN B 299 -17.16 25.96 -17.00
N LEU B 300 -17.31 25.55 -15.73
CA LEU B 300 -16.95 24.22 -15.23
C LEU B 300 -17.80 23.14 -15.89
N ALA B 301 -19.13 23.33 -15.94
CA ALA B 301 -20.08 22.40 -16.53
C ALA B 301 -19.86 22.15 -18.01
N VAL B 302 -19.60 23.20 -18.82
CA VAL B 302 -19.34 23.08 -20.26
C VAL B 302 -18.05 22.29 -20.52
N ARG B 303 -16.94 22.67 -19.83
CA ARG B 303 -15.62 22.02 -19.93
C ARG B 303 -15.78 20.53 -19.60
N SER B 304 -16.43 20.23 -18.44
CA SER B 304 -16.70 18.88 -17.95
C SER B 304 -17.51 18.03 -18.95
N VAL B 305 -18.64 18.57 -19.47
CA VAL B 305 -19.51 17.90 -20.45
C VAL B 305 -18.74 17.54 -21.73
N LEU B 306 -17.85 18.43 -22.20
CA LEU B 306 -17.04 18.18 -23.38
C LEU B 306 -16.14 16.96 -23.20
N PHE B 307 -15.26 17.00 -22.18
CA PHE B 307 -14.33 15.92 -21.91
C PHE B 307 -14.97 14.60 -21.48
N ALA B 308 -16.18 14.66 -20.89
CA ALA B 308 -16.93 13.47 -20.50
C ALA B 308 -17.57 12.78 -21.72
N ALA B 309 -18.06 13.58 -22.70
CA ALA B 309 -18.73 13.09 -23.90
C ALA B 309 -17.79 12.77 -25.07
N VAL B 310 -16.80 13.63 -25.31
CA VAL B 310 -15.84 13.51 -26.41
C VAL B 310 -14.68 12.53 -26.08
N GLY B 311 -14.30 12.44 -24.81
CA GLY B 311 -13.22 11.59 -24.32
C GLY B 311 -13.31 10.13 -24.76
N THR B 312 -12.23 9.64 -25.42
CA THR B 312 -12.05 8.28 -25.97
C THR B 312 -13.07 8.01 -27.10
N ALA B 313 -13.45 9.08 -27.84
CA ALA B 313 -14.43 9.07 -28.93
C ALA B 313 -15.78 8.46 -28.47
N GLY B 314 -16.16 8.78 -27.23
CA GLY B 314 -17.38 8.29 -26.60
C GLY B 314 -17.40 6.79 -26.35
N GLN B 315 -16.23 6.14 -26.42
CA GLN B 315 -16.08 4.69 -26.27
C GLN B 315 -15.60 4.31 -24.86
N ARG B 316 -16.07 5.04 -23.84
CA ARG B 316 -15.79 4.75 -22.43
C ARG B 316 -17.08 4.27 -21.80
N CYS B 317 -16.98 3.38 -20.81
CA CYS B 317 -18.14 2.87 -20.05
C CYS B 317 -18.78 4.02 -19.25
N THR B 318 -17.95 5.00 -18.83
CA THR B 318 -18.29 6.17 -18.03
C THR B 318 -18.57 7.42 -18.88
N THR B 319 -18.61 7.28 -20.23
CA THR B 319 -18.88 8.39 -21.15
C THR B 319 -20.27 8.96 -20.92
N CYS B 320 -20.38 10.30 -20.83
CA CYS B 320 -21.65 11.01 -20.69
C CYS B 320 -22.40 10.94 -22.03
N ARG B 321 -23.56 10.27 -22.02
CA ARG B 321 -24.40 10.07 -23.21
C ARG B 321 -25.68 10.89 -23.13
N ARG B 322 -26.05 11.30 -21.90
CA ARG B 322 -27.25 12.07 -21.63
C ARG B 322 -26.93 13.36 -20.89
N LEU B 323 -27.40 14.49 -21.46
CA LEU B 323 -27.26 15.81 -20.86
C LEU B 323 -28.63 16.30 -20.43
N ILE B 324 -28.86 16.37 -19.12
CA ILE B 324 -30.15 16.81 -18.57
C ILE B 324 -30.00 18.29 -18.17
N LEU B 325 -30.45 19.19 -19.07
CA LEU B 325 -30.32 20.64 -18.94
C LEU B 325 -31.53 21.38 -18.38
N HIS B 326 -31.27 22.33 -17.46
CA HIS B 326 -32.31 23.16 -16.87
C HIS B 326 -32.75 24.21 -17.89
N GLU B 327 -34.08 24.40 -18.02
CA GLU B 327 -34.73 25.35 -18.95
C GLU B 327 -34.17 26.78 -18.95
N ASN B 328 -33.80 27.31 -17.76
CA ASN B 328 -33.26 28.65 -17.55
C ASN B 328 -31.89 28.84 -18.21
N ILE B 329 -31.07 27.79 -18.21
CA ILE B 329 -29.72 27.78 -18.78
C ILE B 329 -29.63 27.06 -20.14
N TYR B 330 -30.66 26.26 -20.49
CA TYR B 330 -30.76 25.44 -21.70
C TYR B 330 -30.07 25.99 -22.94
N GLN B 331 -30.64 27.04 -23.58
CA GLN B 331 -30.08 27.64 -24.80
C GLN B 331 -28.66 28.14 -24.61
N THR B 332 -28.44 29.07 -23.65
CA THR B 332 -27.11 29.63 -23.34
C THR B 332 -26.03 28.57 -23.11
N PHE B 333 -26.39 27.40 -22.53
CA PHE B 333 -25.47 26.29 -22.29
C PHE B 333 -25.08 25.61 -23.58
N LEU B 334 -26.07 25.11 -24.36
CA LEU B 334 -25.74 24.42 -25.60
C LEU B 334 -25.11 25.27 -26.72
N ASP B 335 -25.44 26.58 -26.83
CA ASP B 335 -24.76 27.39 -27.84
C ASP B 335 -23.29 27.54 -27.47
N GLN B 336 -22.98 27.69 -26.17
CA GLN B 336 -21.58 27.75 -25.76
C GLN B 336 -20.89 26.38 -25.68
N LEU B 337 -21.67 25.29 -25.83
CA LEU B 337 -21.18 23.91 -25.87
C LEU B 337 -20.83 23.55 -27.31
N VAL B 338 -21.65 24.02 -28.29
CA VAL B 338 -21.44 23.86 -29.73
C VAL B 338 -20.17 24.65 -30.11
N GLU B 339 -20.02 25.85 -29.53
CA GLU B 339 -18.87 26.75 -29.71
C GLU B 339 -17.56 26.04 -29.33
N VAL B 340 -17.63 25.21 -28.29
CA VAL B 340 -16.52 24.41 -27.76
C VAL B 340 -16.33 23.14 -28.64
N TYR B 341 -17.44 22.51 -29.07
CA TYR B 341 -17.47 21.31 -29.94
C TYR B 341 -16.84 21.59 -31.31
N LYS B 342 -16.92 22.86 -31.77
CA LYS B 342 -16.34 23.31 -33.03
C LYS B 342 -14.82 23.34 -32.93
N GLN B 343 -14.28 23.49 -31.72
CA GLN B 343 -12.85 23.57 -31.41
C GLN B 343 -12.17 22.21 -31.16
N VAL B 344 -12.92 21.09 -31.27
CA VAL B 344 -12.36 19.74 -31.06
C VAL B 344 -11.45 19.34 -32.24
N ARG B 345 -10.15 19.09 -31.95
CA ARG B 345 -9.17 18.66 -32.94
C ARG B 345 -9.28 17.15 -33.15
N ILE B 346 -9.66 16.76 -34.37
CA ILE B 346 -9.83 15.37 -34.76
C ILE B 346 -8.63 14.96 -35.62
N GLY B 347 -7.85 14.00 -35.13
CA GLY B 347 -6.68 13.54 -35.86
C GLY B 347 -6.07 12.23 -35.36
N ASP B 348 -4.77 12.04 -35.67
CA ASP B 348 -4.00 10.86 -35.25
C ASP B 348 -3.85 10.89 -33.71
N PRO B 349 -4.28 9.83 -32.99
CA PRO B 349 -4.15 9.82 -31.52
C PRO B 349 -2.72 9.96 -31.00
N LEU B 350 -1.72 9.64 -31.86
CA LEU B 350 -0.29 9.74 -31.55
C LEU B 350 0.27 11.15 -31.78
N GLU B 351 -0.40 11.95 -32.62
CA GLU B 351 -0.07 13.35 -32.95
C GLU B 351 -0.45 14.25 -31.75
N LYS B 352 0.45 15.18 -31.38
CA LYS B 352 0.24 16.14 -30.28
C LYS B 352 -0.92 17.09 -30.60
N GLY B 353 -1.76 17.34 -29.60
CA GLY B 353 -2.90 18.24 -29.74
C GLY B 353 -4.22 17.61 -30.12
N THR B 354 -4.21 16.32 -30.52
CA THR B 354 -5.42 15.58 -30.89
C THR B 354 -6.30 15.39 -29.66
N LEU B 355 -7.57 15.77 -29.77
CA LEU B 355 -8.54 15.65 -28.68
C LEU B 355 -9.48 14.47 -28.93
N LEU B 356 -9.85 14.25 -30.20
CA LEU B 356 -10.71 13.15 -30.65
C LEU B 356 -10.00 12.32 -31.71
N GLY B 357 -9.93 11.02 -31.47
CA GLY B 357 -9.33 10.07 -32.40
C GLY B 357 -10.38 9.27 -33.17
N PRO B 358 -10.01 8.13 -33.79
CA PRO B 358 -11.02 7.35 -34.54
C PRO B 358 -11.76 6.32 -33.67
N LEU B 359 -12.86 5.75 -34.19
CA LEU B 359 -13.60 4.69 -33.51
C LEU B 359 -12.78 3.39 -33.72
N HIS B 360 -12.73 2.49 -32.71
CA HIS B 360 -11.89 1.28 -32.75
C HIS B 360 -11.91 0.41 -34.01
N THR B 361 -13.09 0.27 -34.66
CA THR B 361 -13.26 -0.56 -35.86
C THR B 361 -14.10 0.10 -36.95
N PRO B 362 -14.06 -0.39 -38.22
CA PRO B 362 -14.94 0.18 -39.26
C PRO B 362 -16.41 -0.16 -38.98
N ALA B 363 -16.66 -1.30 -38.28
CA ALA B 363 -17.98 -1.78 -37.88
C ALA B 363 -18.65 -0.77 -36.95
N SER B 364 -17.90 -0.24 -35.93
CA SER B 364 -18.40 0.75 -34.98
C SER B 364 -18.73 2.08 -35.68
N LYS B 365 -17.97 2.43 -36.76
CA LYS B 365 -18.22 3.62 -37.58
C LYS B 365 -19.56 3.46 -38.31
N GLU B 366 -19.83 2.23 -38.83
CA GLU B 366 -21.08 1.88 -39.53
C GLU B 366 -22.26 1.92 -38.57
N ASN B 367 -22.05 1.44 -37.32
CA ASN B 367 -23.07 1.42 -36.26
C ASN B 367 -23.45 2.82 -35.84
N PHE B 368 -22.45 3.73 -35.74
CA PHE B 368 -22.63 5.13 -35.39
C PHE B 368 -23.53 5.81 -36.43
N LEU B 369 -23.20 5.64 -37.73
CA LEU B 369 -23.94 6.23 -38.85
C LEU B 369 -25.38 5.74 -38.97
N LYS B 370 -25.61 4.43 -38.78
CA LYS B 370 -26.96 3.86 -38.81
C LYS B 370 -27.78 4.33 -37.59
N GLY B 371 -27.08 4.58 -36.47
CA GLY B 371 -27.66 5.09 -35.24
C GLY B 371 -28.21 6.49 -35.42
N ILE B 372 -27.42 7.36 -36.10
CA ILE B 372 -27.78 8.75 -36.43
C ILE B 372 -29.12 8.77 -37.17
N GLN B 373 -29.29 7.80 -38.12
CA GLN B 373 -30.51 7.63 -38.90
C GLN B 373 -31.71 7.26 -38.02
N THR B 374 -31.54 6.30 -37.08
CA THR B 374 -32.62 5.91 -36.17
C THR B 374 -32.94 7.03 -35.17
N ILE B 375 -31.93 7.84 -34.80
CA ILE B 375 -32.08 8.99 -33.89
C ILE B 375 -33.00 10.02 -34.58
N LYS B 376 -32.77 10.27 -35.89
CA LYS B 376 -33.58 11.18 -36.73
C LYS B 376 -35.04 10.70 -36.80
N SER B 377 -35.23 9.35 -36.89
CA SER B 377 -36.54 8.68 -36.95
C SER B 377 -37.36 8.94 -35.69
N GLN B 378 -36.71 8.89 -34.51
CA GLN B 378 -37.34 9.11 -33.20
C GLN B 378 -37.50 10.59 -32.81
N GLY B 379 -37.33 11.49 -33.77
CA GLY B 379 -37.50 12.92 -33.59
C GLY B 379 -36.30 13.69 -33.07
N GLY B 380 -35.13 13.06 -33.10
CA GLY B 380 -33.87 13.67 -32.65
C GLY B 380 -33.37 14.70 -33.64
N LYS B 381 -33.16 15.94 -33.15
CA LYS B 381 -32.67 17.06 -33.96
C LYS B 381 -31.17 17.30 -33.69
N ILE B 382 -30.33 16.92 -34.68
CA ILE B 382 -28.87 17.05 -34.61
C ILE B 382 -28.42 18.51 -34.60
N LEU B 383 -27.95 18.97 -33.42
CA LEU B 383 -27.48 20.33 -33.16
C LEU B 383 -26.09 20.55 -33.76
N PHE B 384 -25.22 19.53 -33.69
CA PHE B 384 -23.85 19.55 -34.18
C PHE B 384 -23.38 18.14 -34.59
N GLY B 385 -22.53 18.08 -35.62
CA GLY B 385 -21.95 16.84 -36.14
C GLY B 385 -22.94 15.92 -36.81
N GLY B 386 -22.85 14.62 -36.47
CA GLY B 386 -23.70 13.56 -36.99
C GLY B 386 -23.23 12.90 -38.26
N SER B 387 -22.18 13.46 -38.90
CA SER B 387 -21.62 12.97 -40.16
C SER B 387 -20.26 12.29 -39.97
N ALA B 388 -19.89 11.44 -40.94
CA ALA B 388 -18.61 10.75 -40.97
C ALA B 388 -17.55 11.68 -41.58
N ILE B 389 -16.27 11.39 -41.32
CA ILE B 389 -15.16 12.19 -41.85
C ILE B 389 -14.44 11.36 -42.93
N GLU B 390 -14.24 11.97 -44.12
CA GLU B 390 -13.55 11.35 -45.24
C GLU B 390 -12.05 11.18 -44.95
N SER B 391 -11.67 9.94 -44.53
CA SER B 391 -10.32 9.52 -44.16
C SER B 391 -10.17 7.99 -44.25
N GLU B 392 -8.91 7.49 -44.25
CA GLU B 392 -8.58 6.06 -44.28
C GLU B 392 -9.01 5.36 -42.98
N GLY B 393 -8.95 6.10 -41.86
CA GLY B 393 -9.35 5.63 -40.54
C GLY B 393 -10.84 5.75 -40.27
N ASN B 394 -11.27 5.30 -39.08
CA ASN B 394 -12.67 5.27 -38.64
C ASN B 394 -13.09 6.56 -37.90
N PHE B 395 -12.98 7.70 -38.58
CA PHE B 395 -13.30 9.00 -38.01
C PHE B 395 -14.74 9.45 -38.23
N VAL B 396 -15.35 9.98 -37.16
CA VAL B 396 -16.72 10.52 -37.15
C VAL B 396 -16.73 11.86 -36.37
N GLN B 397 -17.74 12.70 -36.62
CA GLN B 397 -17.91 13.99 -35.96
C GLN B 397 -18.54 13.85 -34.57
N PRO B 398 -18.09 14.63 -33.56
CA PRO B 398 -18.76 14.57 -32.24
C PRO B 398 -20.16 15.17 -32.40
N THR B 399 -21.19 14.42 -31.96
CA THR B 399 -22.59 14.78 -32.15
C THR B 399 -23.33 15.23 -30.87
N ILE B 400 -24.18 16.27 -31.01
CA ILE B 400 -25.08 16.79 -29.98
C ILE B 400 -26.49 16.65 -30.56
N VAL B 401 -27.40 15.98 -29.82
CA VAL B 401 -28.77 15.72 -30.26
C VAL B 401 -29.85 16.25 -29.29
N GLU B 402 -30.72 17.18 -29.77
CA GLU B 402 -31.86 17.66 -29.00
C GLU B 402 -32.93 16.56 -29.16
N ILE B 403 -33.36 15.94 -28.05
CA ILE B 403 -34.31 14.83 -28.05
C ILE B 403 -35.17 14.78 -26.78
N THR B 404 -36.37 14.17 -26.88
CA THR B 404 -37.29 13.96 -25.76
C THR B 404 -36.82 12.73 -24.98
N PRO B 405 -36.93 12.73 -23.63
CA PRO B 405 -36.48 11.54 -22.85
C PRO B 405 -37.25 10.25 -23.16
N SER B 406 -38.48 10.39 -23.69
CA SER B 406 -39.40 9.30 -24.06
C SER B 406 -38.89 8.41 -25.21
N ALA B 407 -38.00 8.95 -26.08
CA ALA B 407 -37.45 8.26 -27.25
C ALA B 407 -36.66 6.98 -26.88
N PRO B 408 -36.95 5.83 -27.55
CA PRO B 408 -36.26 4.57 -27.23
C PRO B 408 -34.72 4.58 -27.34
N VAL B 409 -34.14 5.31 -28.32
CA VAL B 409 -32.67 5.43 -28.51
C VAL B 409 -31.92 5.99 -27.27
N VAL B 410 -32.65 6.74 -26.42
CA VAL B 410 -32.11 7.33 -25.19
C VAL B 410 -31.79 6.20 -24.19
N LYS B 411 -32.67 5.19 -24.08
CA LYS B 411 -32.50 4.01 -23.20
C LYS B 411 -31.47 3.00 -23.73
N GLU B 412 -31.08 3.14 -25.02
CA GLU B 412 -30.08 2.33 -25.72
C GLU B 412 -28.66 2.71 -25.21
N GLU B 413 -27.61 2.25 -25.90
CA GLU B 413 -26.22 2.55 -25.57
C GLU B 413 -25.39 2.48 -26.86
N LEU B 414 -25.19 3.66 -27.49
CA LEU B 414 -24.42 3.79 -28.73
C LEU B 414 -22.99 4.10 -28.32
N PHE B 415 -22.04 3.22 -28.69
CA PHE B 415 -20.63 3.35 -28.32
C PHE B 415 -19.80 4.27 -29.27
N GLY B 416 -20.29 5.49 -29.46
CA GLY B 416 -19.69 6.55 -30.26
C GLY B 416 -19.89 7.93 -29.63
N PRO B 417 -19.35 9.03 -30.23
CA PRO B 417 -19.53 10.35 -29.60
C PRO B 417 -20.88 11.03 -29.89
N VAL B 418 -21.97 10.46 -29.35
CA VAL B 418 -23.33 10.99 -29.48
C VAL B 418 -23.81 11.42 -28.08
N LEU B 419 -24.21 12.70 -27.94
CA LEU B 419 -24.73 13.24 -26.69
C LEU B 419 -26.17 13.66 -26.86
N TYR B 420 -27.06 13.05 -26.08
CA TYR B 420 -28.49 13.37 -26.12
C TYR B 420 -28.78 14.43 -25.06
N VAL B 421 -29.30 15.58 -25.49
CA VAL B 421 -29.62 16.68 -24.59
C VAL B 421 -31.13 16.84 -24.42
N MET B 422 -31.60 16.93 -23.16
CA MET B 422 -33.01 17.11 -22.81
C MET B 422 -33.27 18.11 -21.70
N LYS B 423 -34.33 18.93 -21.88
CA LYS B 423 -34.77 19.99 -20.98
C LYS B 423 -35.56 19.44 -19.78
N PHE B 424 -35.41 20.08 -18.61
CA PHE B 424 -36.11 19.75 -17.36
C PHE B 424 -36.46 21.03 -16.58
N GLN B 425 -37.46 20.95 -15.69
CA GLN B 425 -37.90 22.10 -14.88
C GLN B 425 -37.53 21.97 -13.40
N THR B 426 -37.90 20.84 -12.77
CA THR B 426 -37.61 20.57 -11.36
C THR B 426 -36.53 19.49 -11.19
N LEU B 427 -35.84 19.49 -10.04
CA LEU B 427 -34.83 18.48 -9.72
C LEU B 427 -35.47 17.08 -9.68
N LYS B 428 -36.77 17.01 -9.30
CA LYS B 428 -37.55 15.75 -9.24
C LYS B 428 -37.68 15.14 -10.64
N GLU B 429 -37.97 15.95 -11.67
CA GLU B 429 -38.04 15.41 -13.03
C GLU B 429 -36.66 15.05 -13.61
N ALA B 430 -35.60 15.78 -13.18
CA ALA B 430 -34.21 15.52 -13.56
C ALA B 430 -33.75 14.13 -13.11
N ILE B 431 -34.01 13.78 -11.82
CA ILE B 431 -33.67 12.49 -11.22
C ILE B 431 -34.52 11.38 -11.88
N GLU B 432 -35.79 11.69 -12.20
CA GLU B 432 -36.70 10.76 -12.89
C GLU B 432 -36.08 10.28 -14.22
N ILE B 433 -35.50 11.23 -15.02
CA ILE B 433 -34.84 10.95 -16.30
C ILE B 433 -33.57 10.13 -16.07
N ASN B 434 -32.70 10.57 -15.13
CA ASN B 434 -31.44 9.90 -14.79
C ASN B 434 -31.62 8.43 -14.38
N ASN B 435 -32.64 8.15 -13.57
CA ASN B 435 -32.95 6.81 -13.06
C ASN B 435 -33.80 5.97 -14.00
N SER B 436 -34.38 6.59 -15.06
CA SER B 436 -35.25 5.92 -16.04
C SER B 436 -34.57 4.84 -16.88
N VAL B 437 -33.28 5.02 -17.17
CA VAL B 437 -32.51 4.08 -18.00
C VAL B 437 -32.21 2.73 -17.28
N PRO B 438 -32.03 1.60 -18.01
CA PRO B 438 -31.72 0.33 -17.34
C PRO B 438 -30.34 0.32 -16.66
N GLN B 439 -29.35 1.02 -17.25
CA GLN B 439 -27.98 1.12 -16.74
C GLN B 439 -27.90 2.07 -15.53
N GLY B 440 -26.99 1.77 -14.60
CA GLY B 440 -26.76 2.56 -13.41
C GLY B 440 -25.30 2.62 -12.98
N LEU B 441 -24.41 3.08 -13.87
CA LEU B 441 -22.98 3.16 -13.56
C LEU B 441 -22.59 4.49 -12.93
N SER B 442 -22.58 5.59 -13.72
CA SER B 442 -22.21 6.92 -13.26
C SER B 442 -23.27 7.98 -13.53
N SER B 443 -23.25 9.05 -12.72
CA SER B 443 -24.16 10.20 -12.80
C SER B 443 -23.53 11.43 -12.15
N SER B 444 -23.89 12.63 -12.65
CA SER B 444 -23.37 13.89 -12.11
C SER B 444 -24.37 15.02 -12.08
N ILE B 445 -24.20 15.93 -11.10
CA ILE B 445 -24.97 17.16 -10.95
C ILE B 445 -24.00 18.31 -10.84
N PHE B 446 -24.31 19.38 -11.55
CA PHE B 446 -23.55 20.60 -11.48
C PHE B 446 -24.47 21.61 -10.84
N THR B 447 -24.18 21.91 -9.56
CA THR B 447 -24.97 22.83 -8.74
C THR B 447 -24.09 23.42 -7.62
N LYS B 448 -24.57 24.52 -7.01
CA LYS B 448 -23.89 25.19 -5.91
C LYS B 448 -24.71 25.05 -4.61
N ARG B 449 -26.04 24.78 -4.70
CA ARG B 449 -26.89 24.64 -3.52
C ARG B 449 -26.81 23.30 -2.79
N PRO B 450 -26.47 23.33 -1.47
CA PRO B 450 -26.32 22.07 -0.69
C PRO B 450 -27.58 21.25 -0.47
N ASP B 451 -28.77 21.84 -0.59
CA ASP B 451 -30.03 21.11 -0.40
C ASP B 451 -30.21 20.05 -1.48
N ILE B 452 -29.78 20.37 -2.72
CA ILE B 452 -29.81 19.50 -3.89
C ILE B 452 -28.79 18.36 -3.72
N ILE B 453 -27.58 18.69 -3.25
CA ILE B 453 -26.48 17.74 -3.00
C ILE B 453 -26.91 16.63 -2.01
N PHE B 454 -27.64 17.02 -0.94
CA PHE B 454 -28.15 16.08 0.07
C PHE B 454 -29.30 15.22 -0.47
N LYS B 455 -30.09 15.77 -1.43
CA LYS B 455 -31.18 15.05 -2.07
C LYS B 455 -30.60 14.02 -3.05
N TRP B 456 -29.63 14.46 -3.88
CA TRP B 456 -28.93 13.69 -4.91
C TRP B 456 -28.20 12.48 -4.34
N LEU B 457 -27.58 12.64 -3.15
CA LEU B 457 -26.83 11.59 -2.46
C LEU B 457 -27.70 10.77 -1.48
N GLY B 458 -28.97 11.16 -1.34
CA GLY B 458 -29.93 10.53 -0.45
C GLY B 458 -30.68 9.36 -1.06
N PRO B 459 -31.61 8.73 -0.28
CA PRO B 459 -32.36 7.57 -0.81
C PRO B 459 -33.22 7.86 -2.04
N HIS B 460 -33.68 9.10 -2.19
CA HIS B 460 -34.52 9.52 -3.32
C HIS B 460 -33.73 10.18 -4.47
N GLY B 461 -32.39 10.10 -4.38
CA GLY B 461 -31.49 10.64 -5.39
C GLY B 461 -31.15 9.68 -6.52
N SER B 462 -29.88 9.69 -6.95
CA SER B 462 -29.38 8.85 -8.04
C SER B 462 -29.29 7.39 -7.63
N ASP B 463 -29.66 6.46 -8.53
CA ASP B 463 -29.62 5.03 -8.29
C ASP B 463 -28.37 4.35 -8.90
N CYS B 464 -27.31 5.14 -9.13
CA CYS B 464 -26.06 4.69 -9.72
C CYS B 464 -25.03 4.28 -8.69
N GLY B 465 -23.99 3.59 -9.16
CA GLY B 465 -22.87 3.16 -8.35
C GLY B 465 -21.92 4.31 -8.08
N ILE B 466 -21.85 5.27 -9.04
CA ILE B 466 -21.02 6.47 -8.98
C ILE B 466 -21.95 7.68 -9.04
N VAL B 467 -21.89 8.53 -8.01
CA VAL B 467 -22.73 9.71 -7.89
C VAL B 467 -21.80 10.91 -7.61
N ASN B 468 -21.62 11.78 -8.62
CA ASN B 468 -20.69 12.90 -8.52
C ASN B 468 -21.34 14.27 -8.49
N VAL B 469 -20.70 15.21 -7.77
CA VAL B 469 -21.17 16.59 -7.64
C VAL B 469 -20.07 17.51 -8.14
N ASN B 470 -20.38 18.31 -9.19
CA ASN B 470 -19.48 19.27 -9.85
C ASN B 470 -18.21 18.65 -10.47
N ILE B 471 -18.30 17.37 -10.83
CA ILE B 471 -17.22 16.59 -11.46
C ILE B 471 -17.85 15.62 -12.48
N PRO B 472 -17.31 15.48 -13.71
CA PRO B 472 -17.94 14.59 -14.71
C PRO B 472 -17.99 13.09 -14.35
N THR B 473 -18.75 12.32 -15.15
CA THR B 473 -18.98 10.88 -14.98
C THR B 473 -17.72 10.01 -15.16
N ASN B 474 -16.71 10.50 -15.90
CA ASN B 474 -15.47 9.78 -16.20
C ASN B 474 -14.34 9.77 -15.15
N GLY B 475 -14.28 10.80 -14.30
CA GLY B 475 -13.24 10.94 -13.28
C GLY B 475 -13.32 9.95 -12.13
N ALA B 476 -12.62 8.79 -12.27
CA ALA B 476 -12.59 7.70 -11.26
C ALA B 476 -11.18 7.22 -10.92
N GLU B 477 -10.87 7.15 -9.60
CA GLU B 477 -9.55 6.74 -9.08
C GLU B 477 -9.54 5.45 -8.26
N ILE B 478 -8.33 4.89 -8.03
CA ILE B 478 -8.00 3.66 -7.29
C ILE B 478 -8.57 3.59 -5.86
N GLY B 479 -8.64 4.74 -5.19
CA GLY B 479 -9.08 4.87 -3.80
C GLY B 479 -10.42 4.28 -3.42
N GLY B 480 -11.44 4.52 -4.25
CA GLY B 480 -12.80 4.03 -4.04
C GLY B 480 -13.21 2.90 -4.96
N ALA B 481 -14.14 2.03 -4.47
CA ALA B 481 -14.67 0.87 -5.20
C ALA B 481 -15.50 1.28 -6.43
N PHE B 482 -14.92 1.08 -7.62
CA PHE B 482 -15.55 1.41 -8.90
C PHE B 482 -16.47 0.28 -9.35
N GLY B 483 -17.70 0.64 -9.68
CA GLY B 483 -18.71 -0.31 -10.13
C GLY B 483 -20.07 0.34 -10.30
N GLY B 484 -20.97 -0.38 -10.97
CA GLY B 484 -22.32 0.10 -11.26
C GLY B 484 -23.44 -0.78 -10.77
N GLU B 485 -24.64 -0.19 -10.65
CA GLU B 485 -25.87 -0.85 -10.21
C GLU B 485 -26.78 -1.16 -11.40
N LYS B 486 -27.96 -1.76 -11.14
CA LYS B 486 -28.99 -2.12 -12.12
C LYS B 486 -28.46 -3.04 -13.25
N ALA B 487 -28.44 -2.55 -14.53
CA ALA B 487 -27.97 -3.32 -15.69
C ALA B 487 -26.44 -3.30 -15.89
N THR B 488 -25.69 -2.62 -14.97
CA THR B 488 -24.23 -2.55 -14.98
C THR B 488 -23.65 -3.69 -14.10
N GLY B 489 -24.54 -4.56 -13.64
CA GLY B 489 -24.20 -5.70 -12.80
C GLY B 489 -24.35 -5.38 -11.33
N GLY B 490 -23.22 -5.39 -10.63
CA GLY B 490 -23.12 -5.11 -9.20
C GLY B 490 -21.72 -5.26 -8.66
N GLY B 491 -20.83 -5.79 -9.51
CA GLY B 491 -19.42 -6.01 -9.18
C GLY B 491 -18.66 -4.72 -8.93
N ARG B 492 -17.63 -4.80 -8.06
CA ARG B 492 -16.78 -3.68 -7.68
C ARG B 492 -15.29 -3.98 -7.93
N GLU B 493 -14.54 -2.95 -8.36
CA GLU B 493 -13.11 -3.04 -8.68
C GLU B 493 -12.30 -2.00 -7.90
N ALA B 494 -10.95 -1.99 -8.10
CA ALA B 494 -9.98 -1.09 -7.48
C ALA B 494 -9.92 -1.14 -5.91
N GLY B 495 -10.12 0.00 -5.24
CA GLY B 495 -10.03 0.13 -3.79
C GLY B 495 -11.18 -0.41 -2.96
N SER B 496 -11.22 0.05 -1.69
CA SER B 496 -12.19 -0.30 -0.64
C SER B 496 -12.03 -1.75 -0.12
N ASP B 497 -13.13 -2.54 -0.06
CA ASP B 497 -13.14 -3.93 0.40
C ASP B 497 -13.42 -4.90 -0.78
N SER B 498 -13.06 -4.47 -2.01
CA SER B 498 -13.25 -5.24 -3.25
C SER B 498 -12.52 -6.57 -3.26
N TRP B 499 -11.39 -6.70 -2.51
CA TRP B 499 -10.57 -7.91 -2.42
C TRP B 499 -11.35 -9.15 -1.98
N LYS B 500 -12.35 -8.94 -1.10
CA LYS B 500 -13.22 -9.97 -0.53
C LYS B 500 -13.97 -10.78 -1.60
N GLN B 501 -14.08 -10.24 -2.83
CA GLN B 501 -14.74 -10.91 -3.96
C GLN B 501 -13.82 -11.99 -4.54
N TYR B 502 -12.50 -11.81 -4.36
CA TYR B 502 -11.44 -12.68 -4.91
C TYR B 502 -11.00 -13.75 -3.92
N MET B 503 -11.68 -13.84 -2.76
CA MET B 503 -11.38 -14.83 -1.73
C MET B 503 -12.66 -15.46 -1.19
N ARG B 504 -12.53 -16.55 -0.41
CA ARG B 504 -13.68 -17.20 0.21
C ARG B 504 -13.68 -17.06 1.72
N ARG B 505 -14.82 -16.60 2.28
CA ARG B 505 -15.04 -16.38 3.70
C ARG B 505 -15.48 -17.69 4.35
N ALA B 506 -14.82 -18.03 5.46
CA ALA B 506 -15.13 -19.22 6.25
C ALA B 506 -15.29 -18.82 7.71
N THR B 507 -16.44 -19.14 8.31
CA THR B 507 -16.71 -18.84 9.71
C THR B 507 -16.30 -20.08 10.51
N CYS B 508 -15.20 -19.95 11.27
CA CYS B 508 -14.57 -21.01 12.04
C CYS B 508 -14.77 -20.90 13.53
N THR B 509 -14.99 -22.04 14.19
CA THR B 509 -15.16 -22.12 15.63
C THR B 509 -14.36 -23.31 16.17
N ILE B 510 -13.38 -23.02 17.04
CA ILE B 510 -12.51 -24.02 17.66
C ILE B 510 -12.89 -24.21 19.13
N ASN B 511 -13.25 -25.44 19.50
CA ASN B 511 -13.59 -25.79 20.88
C ASN B 511 -12.33 -26.34 21.53
N TYR B 512 -11.75 -25.58 22.45
CA TYR B 512 -10.53 -25.99 23.12
C TYR B 512 -10.72 -26.38 24.61
N GLY B 513 -11.98 -26.54 25.01
CA GLY B 513 -12.37 -26.93 26.36
C GLY B 513 -12.76 -28.39 26.47
N SER B 514 -12.46 -29.00 27.64
CA SER B 514 -12.75 -30.40 27.95
C SER B 514 -14.24 -30.63 28.29
N GLU B 515 -15.00 -29.52 28.42
CA GLU B 515 -16.43 -29.48 28.74
C GLU B 515 -17.28 -30.20 27.70
N LEU B 516 -18.06 -31.18 28.15
CA LEU B 516 -18.94 -32.02 27.33
C LEU B 516 -20.38 -31.51 27.34
N PRO B 517 -21.16 -31.63 26.22
CA PRO B 517 -22.55 -31.16 26.23
C PRO B 517 -23.44 -31.98 27.17
N LEU B 518 -24.46 -31.33 27.76
CA LEU B 518 -25.41 -31.88 28.74
C LEU B 518 -26.10 -33.16 28.25
N ALA B 519 -26.05 -34.22 29.08
CA ALA B 519 -26.64 -35.53 28.78
C ALA B 519 -28.15 -35.52 28.97
PA NAD C . 18.37 7.17 25.55
O1A NAD C . 19.59 7.45 26.36
O2A NAD C . 17.13 7.09 26.43
O5B NAD C . 18.20 8.31 24.48
C5B NAD C . 17.59 8.16 23.17
C4B NAD C . 17.57 9.51 22.50
O4B NAD C . 16.91 10.48 23.34
C3B NAD C . 18.90 10.14 22.10
O3B NAD C . 18.78 10.81 20.86
C2B NAD C . 19.18 11.09 23.27
O2B NAD C . 20.04 12.17 22.93
C1B NAD C . 17.77 11.57 23.61
N9A NAD C . 17.55 11.98 24.99
C8A NAD C . 18.10 11.44 26.13
N7A NAD C . 17.62 11.93 27.24
C5A NAD C . 16.69 12.88 26.81
C6A NAD C . 15.84 13.77 27.50
N6A NAD C . 15.76 13.82 28.84
N1A NAD C . 15.06 14.60 26.78
C2A NAD C . 15.14 14.54 25.44
N3A NAD C . 15.90 13.75 24.67
C4A NAD C . 16.66 12.94 25.43
O3 NAD C . 18.51 5.77 24.77
PN NAD C . 19.70 5.01 24.00
O1N NAD C . 20.74 4.66 24.98
O2N NAD C . 20.08 5.82 22.82
O5D NAD C . 18.94 3.72 23.45
C5D NAD C . 18.76 2.53 24.24
C4D NAD C . 17.33 2.42 24.73
O4D NAD C . 16.42 2.53 23.63
C3D NAD C . 16.97 1.09 25.41
O3D NAD C . 16.45 1.28 26.71
C2D NAD C . 15.99 0.47 24.41
O2D NAD C . 14.97 -0.34 25.00
C1D NAD C . 15.31 1.70 23.78
N1N NAD C . 14.71 1.39 22.39
C2N NAD C . 13.33 1.14 22.34
C3N NAD C . 12.70 0.88 21.13
C7N NAD C . 11.24 0.50 21.06
O7N NAD C . 10.60 0.31 22.11
N7N NAD C . 10.71 0.32 19.86
C4N NAD C . 13.48 0.87 19.97
C5N NAD C . 14.85 1.11 20.04
C6N NAD C . 15.45 1.36 21.26
PA NAD D . -18.36 -7.14 -25.69
O1A NAD D . -18.85 -7.21 -27.09
O2A NAD D . -19.50 -7.45 -24.72
O5B NAD D . -17.17 -8.17 -25.48
C5B NAD D . -16.12 -8.01 -24.50
C4B NAD D . -15.32 -9.29 -24.37
O4B NAD D . -16.19 -10.40 -24.06
C3B NAD D . -14.46 -9.73 -25.56
O3B NAD D . -13.19 -10.19 -25.12
C2B NAD D . -15.30 -10.84 -26.20
O2B NAD D . -14.56 -11.80 -26.93
C1B NAD D . -15.99 -11.46 -24.98
N9A NAD D . -17.27 -12.10 -25.22
C8A NAD D . -18.30 -11.63 -26.01
N7A NAD D . -19.38 -12.36 -25.96
C5A NAD D . -19.06 -13.38 -25.09
C6A NAD D . -19.79 -14.48 -24.60
N6A NAD D . -21.05 -14.75 -24.94
N1A NAD D . -19.16 -15.32 -23.73
C2A NAD D . -17.91 -15.06 -23.39
N3A NAD D . -17.11 -14.05 -23.79
C4A NAD D . -17.75 -13.24 -24.64
O3 NAD D . -17.85 -5.65 -25.35
PN NAD D . -16.93 -4.58 -26.09
O1N NAD D . -17.59 -4.19 -27.36
O2N NAD D . -15.53 -5.06 -26.13
O5D NAD D . -16.95 -3.37 -25.05
C5D NAD D . -18.01 -2.39 -25.02
C4D NAD D . -18.80 -2.53 -23.74
O4D NAD D . -17.91 -2.69 -22.62
C3D NAD D . -19.68 -1.33 -23.38
O3D NAD D . -21.04 -1.71 -23.20
C2D NAD D . -19.01 -0.80 -22.12
O2D NAD D . -19.90 -0.22 -21.18
C1D NAD D . -18.42 -2.07 -21.48
N1N NAD D . -17.28 -1.72 -20.49
C2N NAD D . -17.65 -1.74 -19.14
C3N NAD D . -16.71 -1.44 -18.17
C7N NAD D . -17.14 -1.30 -16.72
O7N NAD D . -18.35 -1.34 -16.43
N7N NAD D . -16.20 -1.07 -15.81
C4N NAD D . -15.40 -1.15 -18.55
C5N NAD D . -15.06 -1.14 -19.89
C6N NAD D . -16.02 -1.43 -20.86
#